data_7K7T
#
_entry.id   7K7T
#
_cell.length_a   52.424
_cell.length_b   109.934
_cell.length_c   70.390
_cell.angle_alpha   90.000
_cell.angle_beta   95.952
_cell.angle_gamma   90.000
#
_symmetry.space_group_name_H-M   'P 1 21 1'
#
loop_
_entity.id
_entity.type
_entity.pdbx_description
1 polymer 'Isoform 3 of MORC family CW-type zinc finger protein 4'
2 non-polymer 'ZINC ION'
3 non-polymer 'MAGNESIUM ION'
4 non-polymer 'PHOSPHOAMINOPHOSPHONIC ACID-ADENYLATE ESTER'
5 water water
#
_entity_poly.entity_id   1
_entity_poly.type   'polypeptide(L)'
_entity_poly.pdbx_seq_one_letter_code
;GIRLSTMSPRYLQSNSSSHTRPFSAIAELLDNAVDPDVSARTVFIDVEEVKNKSCLTFTDDGCGMTPHKLHRMLSFGFTD
KVIKKSQCPIGVFGNGFKSGSMRLGKDALVFTKNGGTLTVGLLSQTYLECVQAQAVIVPIVPFNQQNKKMIITEDSLPSL
EAILNYSIFNRENDLLAQFDAIPGKKGTRVLIWNIRRNKNGKSELDFDTDQYDILVSDFDTEEKMTGGVTSELPETEYSL
RAFCGILYMKPRMKIFLRQKKVTTQMIAKSLANVEYDTYKPTFTNKQVRITFGFSCKNSNQFGIMMYHNNRLIKSFEKVG
CQVKPTRGEGVGVIGVIECNFLKPAYNKQDFEYTKEYRLTINALAQKLNAYWKEKTSQDNFETSTVARPIPKVPDQTWVQ
CDECLKWRKLPGKIDPSMLPARWFCYYNSHPKYRRCSVPEEQELTDEDLCLSKAKKQE
;
_entity_poly.pdbx_strand_id   A,B
#
# COMPACT_ATOMS: atom_id res chain seq x y z
N GLY A 1 21.47 -19.23 -16.14
CA GLY A 1 22.71 -18.90 -15.47
C GLY A 1 22.58 -18.83 -13.96
N ILE A 2 22.02 -17.72 -13.48
CA ILE A 2 21.76 -17.53 -12.05
C ILE A 2 20.27 -17.75 -11.81
N ARG A 3 19.96 -18.44 -10.72
CA ARG A 3 18.57 -18.80 -10.45
C ARG A 3 17.72 -17.56 -10.20
N LEU A 4 16.51 -17.56 -10.76
CA LEU A 4 15.61 -16.43 -10.65
C LEU A 4 15.01 -16.35 -9.25
N SER A 5 14.55 -15.16 -8.90
CA SER A 5 13.79 -14.96 -7.67
C SER A 5 12.37 -15.48 -7.88
N THR A 6 12.04 -16.59 -7.23
CA THR A 6 10.72 -17.19 -7.38
C THR A 6 9.67 -16.37 -6.62
N MET A 7 8.41 -16.73 -6.83
CA MET A 7 7.29 -16.07 -6.16
C MET A 7 6.31 -17.13 -5.66
N SER A 8 6.09 -17.15 -4.35
CA SER A 8 5.19 -18.13 -3.77
C SER A 8 3.74 -17.79 -4.10
N PRO A 9 2.89 -18.80 -4.28
CA PRO A 9 1.46 -18.52 -4.51
C PRO A 9 0.81 -17.71 -3.40
N ARG A 10 1.35 -17.78 -2.18
CA ARG A 10 0.83 -16.95 -1.09
C ARG A 10 0.99 -15.46 -1.41
N TYR A 11 1.95 -15.10 -2.25
CA TYR A 11 2.15 -13.70 -2.59
C TYR A 11 0.90 -13.10 -3.23
N LEU A 12 0.18 -13.90 -4.02
CA LEU A 12 -1.09 -13.44 -4.58
C LEU A 12 -2.04 -13.01 -3.46
N GLN A 13 -2.09 -13.78 -2.37
CA GLN A 13 -2.87 -13.37 -1.21
C GLN A 13 -2.26 -12.13 -0.55
N SER A 14 -0.94 -12.11 -0.40
CA SER A 14 -0.28 -10.98 0.26
C SER A 14 -0.53 -9.68 -0.50
N ASN A 15 -0.36 -9.71 -1.83
CA ASN A 15 -0.51 -8.51 -2.63
C ASN A 15 -1.93 -7.95 -2.55
N SER A 16 -2.93 -8.81 -2.34
CA SER A 16 -4.31 -8.34 -2.22
C SER A 16 -4.49 -7.34 -1.10
N SER A 17 -3.63 -7.36 -0.09
CA SER A 17 -3.72 -6.40 1.01
C SER A 17 -3.31 -4.99 0.61
N SER A 18 -2.96 -4.75 -0.65
CA SER A 18 -2.62 -3.39 -1.07
C SER A 18 -3.80 -2.44 -0.92
N HIS A 19 -5.01 -2.90 -1.23
CA HIS A 19 -6.21 -2.07 -1.19
C HIS A 19 -6.96 -2.29 0.11
N THR A 20 -7.13 -1.24 0.90
CA THR A 20 -7.90 -1.32 2.13
C THR A 20 -9.41 -1.28 1.88
N ARG A 21 -9.84 -0.83 0.71
CA ARG A 21 -11.25 -0.76 0.33
C ARG A 21 -11.44 -1.46 -1.01
N PRO A 22 -12.53 -2.22 -1.18
CA PRO A 22 -12.71 -2.96 -2.44
C PRO A 22 -13.06 -2.09 -3.63
N PHE A 23 -13.68 -0.93 -3.38
CA PHE A 23 -13.91 0.00 -4.48
C PHE A 23 -12.61 0.46 -5.10
N SER A 24 -11.50 0.42 -4.35
CA SER A 24 -10.21 0.78 -4.91
C SER A 24 -9.69 -0.29 -5.86
N ALA A 25 -9.92 -1.57 -5.54
CA ALA A 25 -9.58 -2.64 -6.49
C ALA A 25 -10.45 -2.55 -7.74
N ILE A 26 -11.73 -2.33 -7.56
CA ILE A 26 -12.62 -2.16 -8.71
C ILE A 26 -12.18 -0.96 -9.54
N ALA A 27 -11.72 0.11 -8.87
CA ALA A 27 -11.17 1.26 -9.56
C ALA A 27 -9.91 0.91 -10.32
N GLU A 28 -9.10 0.00 -9.79
CA GLU A 28 -7.94 -0.48 -10.53
C GLU A 28 -8.37 -1.09 -11.85
N LEU A 29 -9.36 -1.98 -11.80
CA LEU A 29 -9.85 -2.60 -13.04
C LEU A 29 -10.41 -1.55 -13.99
N LEU A 30 -11.16 -0.59 -13.49
CA LEU A 30 -11.70 0.41 -14.42
C LEU A 30 -10.57 1.25 -14.96
N ASP A 31 -9.59 1.54 -14.15
CA ASP A 31 -8.44 2.31 -14.65
C ASP A 31 -7.71 1.58 -15.76
N ASN A 32 -7.78 0.24 -15.80
CA ASN A 32 -7.01 -0.54 -16.82
C ASN A 32 -7.74 -0.54 -18.17
N ALA A 33 -9.05 -0.29 -18.13
CA ALA A 33 -9.94 -0.26 -19.30
C ALA A 33 -9.94 1.17 -19.79
N VAL A 34 -9.49 2.12 -18.98
CA VAL A 34 -9.61 3.47 -19.53
C VAL A 34 -8.28 4.06 -20.00
N ASP A 35 -7.15 3.42 -19.69
CA ASP A 35 -5.86 4.00 -20.05
C ASP A 35 -5.72 4.13 -21.56
N PRO A 36 -5.00 5.15 -22.04
CA PRO A 36 -5.03 5.48 -23.47
C PRO A 36 -4.64 4.36 -24.42
N ASP A 37 -3.82 3.39 -23.99
CA ASP A 37 -3.50 2.28 -24.87
C ASP A 37 -4.73 1.48 -25.23
N VAL A 38 -5.49 1.05 -24.22
CA VAL A 38 -6.72 0.31 -24.48
C VAL A 38 -7.81 1.24 -24.99
N SER A 39 -8.14 2.26 -24.19
CA SER A 39 -9.14 3.25 -24.53
C SER A 39 -10.47 2.59 -24.90
N ALA A 40 -11.00 1.84 -23.94
CA ALA A 40 -12.29 1.20 -24.14
C ALA A 40 -13.40 2.23 -24.15
N ARG A 41 -14.40 1.99 -24.99
CA ARG A 41 -15.53 2.91 -25.09
C ARG A 41 -16.54 2.68 -23.97
N THR A 42 -16.72 1.43 -23.56
CA THR A 42 -17.69 1.08 -22.54
C THR A 42 -17.16 -0.07 -21.71
N VAL A 43 -17.40 -0.01 -20.40
CA VAL A 43 -17.07 -1.09 -19.48
C VAL A 43 -18.35 -1.51 -18.76
N PHE A 44 -18.49 -2.80 -18.51
CA PHE A 44 -19.69 -3.37 -17.90
C PHE A 44 -19.32 -4.07 -16.60
N ILE A 45 -19.84 -3.55 -15.49
CA ILE A 45 -19.68 -4.18 -14.18
C ILE A 45 -20.98 -4.89 -13.84
N ASP A 46 -20.89 -6.19 -13.56
CA ASP A 46 -22.07 -6.97 -13.24
C ASP A 46 -21.71 -8.12 -12.33
N VAL A 47 -22.73 -8.77 -11.79
CA VAL A 47 -22.59 -9.98 -10.98
C VAL A 47 -23.34 -11.10 -11.69
N GLU A 48 -22.63 -12.19 -11.97
CA GLU A 48 -23.21 -13.32 -12.68
C GLU A 48 -23.05 -14.58 -11.84
N GLU A 49 -24.05 -15.45 -11.91
CA GLU A 49 -24.07 -16.70 -11.16
C GLU A 49 -23.60 -17.82 -12.08
N VAL A 50 -22.43 -18.38 -11.79
CA VAL A 50 -21.85 -19.45 -12.59
C VAL A 50 -21.47 -20.59 -11.65
N LYS A 51 -21.94 -21.80 -11.96
CA LYS A 51 -21.65 -23.00 -11.18
C LYS A 51 -22.02 -22.79 -9.70
N ASN A 52 -23.17 -22.16 -9.48
CA ASN A 52 -23.67 -21.86 -8.13
C ASN A 52 -22.64 -21.07 -7.32
N LYS A 53 -22.10 -20.01 -7.94
CA LYS A 53 -21.08 -19.19 -7.31
C LYS A 53 -21.14 -17.78 -7.86
N SER A 54 -21.08 -16.80 -6.96
CA SER A 54 -21.14 -15.41 -7.37
C SER A 54 -19.85 -14.99 -8.06
N CYS A 55 -19.98 -14.22 -9.14
CA CYS A 55 -18.83 -13.81 -9.94
C CYS A 55 -18.94 -12.34 -10.30
N LEU A 56 -17.87 -11.60 -10.06
CA LEU A 56 -17.77 -10.22 -10.52
C LEU A 56 -17.29 -10.20 -11.96
N THR A 57 -17.94 -9.41 -12.80
CA THR A 57 -17.65 -9.34 -14.22
C THR A 57 -17.27 -7.92 -14.60
N PHE A 58 -16.14 -7.75 -15.28
CA PHE A 58 -15.68 -6.45 -15.77
C PHE A 58 -15.36 -6.61 -17.25
N THR A 59 -16.28 -6.19 -18.11
CA THR A 59 -16.19 -6.40 -19.55
C THR A 59 -16.08 -5.05 -20.25
N ASP A 60 -14.96 -4.82 -20.94
CA ASP A 60 -14.76 -3.61 -21.71
C ASP A 60 -14.59 -3.95 -23.18
N ASP A 61 -14.97 -3.00 -24.04
CA ASP A 61 -14.87 -3.16 -25.49
C ASP A 61 -13.66 -2.41 -26.04
N GLY A 62 -12.51 -2.62 -25.42
CA GLY A 62 -11.29 -1.90 -25.74
C GLY A 62 -10.47 -2.52 -26.84
N CYS A 63 -9.15 -2.38 -26.71
CA CYS A 63 -8.23 -2.82 -27.75
C CYS A 63 -8.00 -4.32 -27.73
N GLY A 64 -8.05 -4.94 -26.55
CA GLY A 64 -7.71 -6.34 -26.43
C GLY A 64 -6.21 -6.54 -26.29
N MET A 65 -5.83 -7.79 -26.03
CA MET A 65 -4.43 -8.13 -25.78
C MET A 65 -4.02 -9.35 -26.59
N THR A 66 -2.73 -9.41 -26.90
CA THR A 66 -2.13 -10.59 -27.49
C THR A 66 -1.82 -11.62 -26.41
N PRO A 67 -1.62 -12.89 -26.79
CA PRO A 67 -1.22 -13.88 -25.78
C PRO A 67 0.04 -13.49 -25.01
N HIS A 68 0.99 -12.86 -25.69
CA HIS A 68 2.19 -12.38 -25.02
C HIS A 68 1.87 -11.26 -24.03
N LYS A 69 1.06 -10.29 -24.46
CA LYS A 69 0.68 -9.20 -23.57
C LYS A 69 -0.28 -9.66 -22.48
N LEU A 70 -1.02 -10.75 -22.69
CA LEU A 70 -1.83 -11.29 -21.61
C LEU A 70 -0.95 -11.92 -20.54
N HIS A 71 0.12 -12.60 -20.95
CA HIS A 71 1.08 -13.10 -19.96
C HIS A 71 1.76 -11.95 -19.23
N ARG A 72 2.10 -10.89 -19.97
CA ARG A 72 2.68 -9.71 -19.32
C ARG A 72 1.69 -9.11 -18.31
N MET A 73 0.40 -9.20 -18.62
CA MET A 73 -0.66 -8.68 -17.71
C MET A 73 -0.65 -9.52 -16.43
N LEU A 74 -0.66 -10.85 -16.57
CA LEU A 74 -0.64 -11.76 -15.42
C LEU A 74 0.74 -11.87 -14.79
N SER A 75 1.71 -11.09 -15.26
CA SER A 75 3.03 -11.00 -14.67
C SER A 75 3.19 -9.65 -13.96
N PHE A 76 4.24 -9.52 -13.17
CA PHE A 76 4.44 -8.38 -12.29
C PHE A 76 5.45 -7.41 -12.89
N GLY A 77 5.12 -6.12 -12.86
CA GLY A 77 6.03 -5.07 -13.24
C GLY A 77 6.10 -4.76 -14.72
N PHE A 78 5.35 -5.46 -15.57
CA PHE A 78 5.39 -5.26 -17.00
C PHE A 78 4.31 -4.28 -17.42
N THR A 79 4.71 -3.11 -17.90
CA THR A 79 3.77 -2.10 -18.36
C THR A 79 4.47 -1.20 -19.36
N ASP A 80 3.77 -0.89 -20.46
CA ASP A 80 4.31 -0.04 -21.51
C ASP A 80 3.75 1.37 -21.39
N LYS A 81 4.03 1.99 -20.24
CA LYS A 81 3.53 3.34 -19.98
C LYS A 81 4.66 4.23 -19.44
N CYS A 88 -1.09 10.61 -20.52
CA CYS A 88 -0.99 10.54 -19.07
C CYS A 88 -1.73 9.33 -18.52
N PRO A 89 -1.19 8.14 -18.72
CA PRO A 89 -1.86 6.94 -18.23
C PRO A 89 -1.88 6.88 -16.71
N ILE A 90 -2.74 6.00 -16.20
CA ILE A 90 -2.91 5.84 -14.77
C ILE A 90 -2.01 4.74 -14.22
N GLY A 91 -1.91 3.62 -14.95
CA GLY A 91 -1.08 2.52 -14.51
C GLY A 91 0.40 2.88 -14.56
N VAL A 92 1.13 2.50 -13.51
CA VAL A 92 2.54 2.84 -13.39
C VAL A 92 3.31 1.63 -12.86
N PHE A 93 2.67 0.83 -12.00
CA PHE A 93 3.37 -0.20 -11.24
C PHE A 93 3.49 -1.54 -11.96
N GLY A 94 2.45 -1.97 -12.66
CA GLY A 94 2.45 -3.30 -13.22
C GLY A 94 2.06 -4.28 -12.12
N ASN A 95 0.98 -3.97 -11.42
CA ASN A 95 0.56 -4.73 -10.26
C ASN A 95 -0.94 -4.58 -10.04
N GLY A 96 -1.49 -3.49 -10.55
CA GLY A 96 -2.89 -3.13 -10.38
C GLY A 96 -3.89 -4.27 -10.52
N PHE A 97 -3.81 -5.02 -11.61
CA PHE A 97 -4.71 -6.16 -11.75
C PHE A 97 -4.40 -7.25 -10.73
N LYS A 98 -3.12 -7.57 -10.54
CA LYS A 98 -2.75 -8.66 -9.65
C LYS A 98 -3.11 -8.37 -8.20
N SER A 99 -3.15 -7.10 -7.80
CA SER A 99 -3.62 -6.77 -6.46
C SER A 99 -5.14 -6.59 -6.42
N GLY A 100 -5.71 -5.97 -7.45
CA GLY A 100 -7.13 -5.68 -7.43
C GLY A 100 -8.00 -6.91 -7.54
N SER A 101 -7.72 -7.78 -8.51
CA SER A 101 -8.53 -8.98 -8.68
C SER A 101 -8.43 -9.88 -7.47
N MET A 102 -7.23 -10.02 -6.90
CA MET A 102 -7.08 -10.86 -5.71
C MET A 102 -7.74 -10.20 -4.49
N ARG A 103 -7.80 -8.87 -4.45
CA ARG A 103 -8.52 -8.20 -3.37
C ARG A 103 -10.02 -8.47 -3.48
N LEU A 104 -10.54 -8.71 -4.68
CA LEU A 104 -11.96 -8.96 -4.89
C LEU A 104 -12.33 -10.42 -4.70
N GLY A 105 -11.46 -11.35 -5.12
CA GLY A 105 -11.74 -12.77 -5.00
C GLY A 105 -10.47 -13.57 -5.11
N LYS A 106 -10.60 -14.87 -4.81
CA LYS A 106 -9.44 -15.76 -4.81
C LYS A 106 -9.01 -16.15 -6.21
N ASP A 107 -9.92 -16.15 -7.17
CA ASP A 107 -9.63 -16.60 -8.52
C ASP A 107 -10.15 -15.60 -9.54
N ALA A 108 -9.41 -15.47 -10.65
CA ALA A 108 -9.77 -14.53 -11.70
C ALA A 108 -9.43 -15.13 -13.06
N LEU A 109 -10.35 -14.98 -14.01
CA LEU A 109 -10.14 -15.35 -15.40
C LEU A 109 -10.18 -14.10 -16.25
N VAL A 110 -9.28 -14.01 -17.23
CA VAL A 110 -9.20 -12.87 -18.14
C VAL A 110 -9.31 -13.40 -19.56
N PHE A 111 -10.42 -13.08 -20.22
CA PHE A 111 -10.61 -13.34 -21.63
C PHE A 111 -10.30 -12.07 -22.41
N THR A 112 -9.59 -12.21 -23.52
CA THR A 112 -9.23 -11.06 -24.33
C THR A 112 -9.19 -11.44 -25.80
N LYS A 113 -9.72 -10.57 -26.65
CA LYS A 113 -9.63 -10.73 -28.08
C LYS A 113 -9.25 -9.39 -28.72
N ASN A 114 -8.31 -9.44 -29.65
CA ASN A 114 -7.81 -8.24 -30.31
C ASN A 114 -8.07 -8.28 -31.81
N GLY A 115 -9.22 -8.83 -32.23
CA GLY A 115 -9.46 -8.88 -33.65
C GLY A 115 -8.72 -9.96 -34.41
N GLY A 116 -8.58 -11.14 -33.83
CA GLY A 116 -7.87 -12.22 -34.51
C GLY A 116 -7.43 -13.34 -33.60
N THR A 117 -7.19 -13.03 -32.33
CA THR A 117 -6.75 -14.03 -31.37
C THR A 117 -7.69 -13.99 -30.17
N LEU A 118 -8.06 -15.18 -29.70
CA LEU A 118 -8.86 -15.35 -28.49
C LEU A 118 -7.96 -15.97 -27.43
N THR A 119 -7.66 -15.24 -26.38
CA THR A 119 -6.71 -15.69 -25.37
C THR A 119 -7.36 -15.67 -23.98
N VAL A 120 -7.17 -16.75 -23.23
CA VAL A 120 -7.69 -16.89 -21.87
C VAL A 120 -6.52 -16.96 -20.91
N GLY A 121 -6.67 -16.31 -19.75
CA GLY A 121 -5.67 -16.37 -18.71
C GLY A 121 -6.31 -16.61 -17.36
N LEU A 122 -5.57 -17.31 -16.50
CA LEU A 122 -6.07 -17.71 -15.18
C LEU A 122 -5.09 -17.26 -14.10
N LEU A 123 -5.56 -16.45 -13.18
CA LEU A 123 -4.81 -16.05 -11.98
C LEU A 123 -5.64 -16.52 -10.79
N SER A 124 -5.43 -17.77 -10.38
CA SER A 124 -6.25 -18.41 -9.36
C SER A 124 -5.35 -18.95 -8.26
N GLN A 125 -5.57 -18.48 -7.03
CA GLN A 125 -4.86 -19.08 -5.89
C GLN A 125 -5.49 -20.39 -5.48
N THR A 126 -6.78 -20.59 -5.75
CA THR A 126 -7.41 -21.88 -5.49
C THR A 126 -6.81 -22.98 -6.36
N TYR A 127 -6.60 -22.69 -7.64
CA TYR A 127 -5.94 -23.66 -8.53
C TYR A 127 -4.53 -23.97 -8.03
N LEU A 128 -3.80 -22.95 -7.60
CA LEU A 128 -2.42 -23.16 -7.15
C LEU A 128 -2.36 -23.93 -5.84
N GLU A 129 -3.37 -23.78 -4.98
CA GLU A 129 -3.37 -24.49 -3.70
C GLU A 129 -3.91 -25.90 -3.83
N CYS A 130 -4.76 -26.17 -4.82
CA CYS A 130 -5.22 -27.53 -5.04
C CYS A 130 -4.08 -28.43 -5.50
N VAL A 131 -3.34 -28.00 -6.53
CA VAL A 131 -2.17 -28.75 -6.99
C VAL A 131 -0.97 -28.59 -6.09
N GLN A 132 -1.04 -27.71 -5.08
CA GLN A 132 0.05 -27.47 -4.13
C GLN A 132 1.34 -27.07 -4.84
N ALA A 133 1.20 -26.15 -5.80
CA ALA A 133 2.37 -25.66 -6.53
C ALA A 133 3.24 -24.81 -5.62
N GLN A 134 4.55 -24.88 -5.86
CA GLN A 134 5.51 -24.08 -5.10
C GLN A 134 5.76 -22.71 -5.71
N ALA A 135 5.45 -22.53 -7.00
CA ALA A 135 5.58 -21.25 -7.67
C ALA A 135 4.23 -20.89 -8.31
N VAL A 136 4.13 -19.63 -8.73
CA VAL A 136 2.90 -19.12 -9.31
C VAL A 136 2.80 -19.60 -10.76
N ILE A 137 1.80 -20.43 -11.05
CA ILE A 137 1.54 -20.95 -12.39
C ILE A 137 0.35 -20.20 -12.97
N VAL A 138 0.48 -19.75 -14.21
CA VAL A 138 -0.55 -18.98 -14.90
C VAL A 138 -0.91 -19.68 -16.20
N PRO A 139 -1.99 -20.46 -16.23
CA PRO A 139 -2.42 -21.08 -17.48
C PRO A 139 -2.94 -20.06 -18.48
N ILE A 140 -2.49 -20.16 -19.73
CA ILE A 140 -2.87 -19.24 -20.80
C ILE A 140 -3.06 -20.02 -22.10
N VAL A 141 -4.18 -19.76 -22.79
CA VAL A 141 -4.55 -20.49 -24.01
C VAL A 141 -4.96 -19.52 -25.12
N PRO A 142 -4.33 -19.55 -26.29
CA PRO A 142 -4.78 -18.67 -27.38
C PRO A 142 -5.62 -19.38 -28.43
N PHE A 143 -6.39 -18.62 -29.20
CA PHE A 143 -7.20 -19.21 -30.27
C PHE A 143 -7.07 -18.39 -31.54
N ASN A 147 -11.99 -18.70 -36.55
CA ASN A 147 -11.76 -20.14 -36.62
C ASN A 147 -12.01 -20.79 -35.26
N LYS A 148 -11.56 -20.09 -34.21
CA LYS A 148 -11.58 -20.61 -32.84
C LYS A 148 -10.79 -21.91 -32.70
N LYS A 149 -9.80 -22.13 -33.56
CA LYS A 149 -8.94 -23.30 -33.41
C LYS A 149 -7.80 -22.97 -32.46
N MET A 150 -7.48 -23.92 -31.59
CA MET A 150 -6.53 -23.71 -30.52
C MET A 150 -5.10 -23.67 -31.04
N ILE A 151 -4.26 -22.89 -30.37
CA ILE A 151 -2.84 -22.82 -30.70
C ILE A 151 -2.01 -23.55 -29.63
N ASP A 155 2.15 -25.75 -25.65
CA ASP A 155 2.35 -24.76 -24.60
C ASP A 155 1.03 -24.43 -23.91
N SER A 156 -0.02 -24.30 -24.72
CA SER A 156 -1.36 -23.98 -24.23
C SER A 156 -2.15 -25.21 -23.82
N LEU A 157 -1.72 -26.39 -24.24
CA LEU A 157 -2.48 -27.61 -23.95
C LEU A 157 -2.59 -27.92 -22.46
N PRO A 158 -1.51 -27.95 -21.68
CA PRO A 158 -1.70 -28.18 -20.23
C PRO A 158 -2.43 -27.04 -19.55
N SER A 159 -2.31 -25.83 -20.09
CA SER A 159 -3.04 -24.68 -19.55
C SER A 159 -4.55 -24.89 -19.68
N LEU A 160 -5.00 -25.31 -20.86
CA LEU A 160 -6.43 -25.55 -21.08
C LEU A 160 -6.94 -26.67 -20.18
N GLU A 161 -6.14 -27.73 -20.01
CA GLU A 161 -6.56 -28.81 -19.12
C GLU A 161 -6.68 -28.32 -17.68
N ALA A 162 -5.73 -27.51 -17.23
CA ALA A 162 -5.79 -26.99 -15.87
C ALA A 162 -7.01 -26.07 -15.69
N ILE A 163 -7.33 -25.29 -16.71
CA ILE A 163 -8.50 -24.42 -16.64
C ILE A 163 -9.78 -25.23 -16.58
N LEU A 164 -9.88 -26.26 -17.43
CA LEU A 164 -11.09 -27.08 -17.45
C LEU A 164 -11.25 -27.89 -16.17
N ASN A 165 -10.14 -28.29 -15.55
CA ASN A 165 -10.18 -29.16 -14.38
C ASN A 165 -10.32 -28.41 -13.07
N TYR A 166 -9.87 -27.15 -13.00
CA TYR A 166 -9.79 -26.45 -11.72
C TYR A 166 -10.51 -25.12 -11.67
N SER A 167 -10.96 -24.57 -12.80
CA SER A 167 -11.69 -23.30 -12.76
C SER A 167 -13.18 -23.59 -12.65
N ILE A 168 -14.01 -22.56 -12.85
CA ILE A 168 -15.45 -22.74 -12.83
C ILE A 168 -16.00 -23.22 -14.16
N PHE A 169 -15.19 -23.21 -15.22
CA PHE A 169 -15.60 -23.65 -16.55
C PHE A 169 -14.96 -25.00 -16.83
N ASN A 170 -15.79 -26.04 -16.87
CA ASN A 170 -15.32 -27.41 -17.09
C ASN A 170 -15.39 -27.86 -18.54
N ARG A 171 -16.28 -27.28 -19.34
CA ARG A 171 -16.45 -27.65 -20.74
C ARG A 171 -15.86 -26.57 -21.63
N GLU A 172 -15.19 -26.99 -22.71
CA GLU A 172 -14.51 -26.06 -23.60
C GLU A 172 -15.48 -25.11 -24.30
N ASN A 173 -16.70 -25.55 -24.59
CA ASN A 173 -17.63 -24.68 -25.31
C ASN A 173 -18.06 -23.49 -24.44
N ASP A 174 -18.26 -23.72 -23.14
CA ASP A 174 -18.58 -22.63 -22.23
C ASP A 174 -17.41 -21.66 -22.10
N LEU A 175 -16.19 -22.19 -22.06
CA LEU A 175 -15.01 -21.34 -21.96
C LEU A 175 -14.89 -20.44 -23.20
N LEU A 176 -15.19 -20.98 -24.38
CA LEU A 176 -15.10 -20.19 -25.60
C LEU A 176 -16.27 -19.22 -25.72
N ALA A 177 -17.46 -19.65 -25.30
CA ALA A 177 -18.63 -18.78 -25.37
C ALA A 177 -18.48 -17.55 -24.48
N GLN A 178 -17.63 -17.61 -23.46
CA GLN A 178 -17.36 -16.43 -22.64
C GLN A 178 -16.77 -15.28 -23.46
N PHE A 179 -16.15 -15.59 -24.61
CA PHE A 179 -15.67 -14.52 -25.48
C PHE A 179 -16.81 -13.77 -26.14
N ASP A 180 -17.96 -14.43 -26.33
CA ASP A 180 -19.10 -13.77 -26.94
C ASP A 180 -19.70 -12.70 -26.05
N ALA A 181 -19.35 -12.70 -24.76
CA ALA A 181 -19.81 -11.68 -23.82
C ALA A 181 -19.10 -10.34 -24.00
N ILE A 182 -18.21 -10.23 -24.98
CA ILE A 182 -17.59 -8.94 -25.32
C ILE A 182 -18.44 -8.29 -26.41
N PRO A 183 -18.89 -7.05 -26.20
CA PRO A 183 -19.87 -6.45 -27.12
C PRO A 183 -19.32 -6.06 -28.49
N GLY A 184 -18.09 -6.44 -28.79
CA GLY A 184 -17.51 -6.11 -30.08
C GLY A 184 -16.61 -7.21 -30.61
N LYS A 185 -15.72 -6.86 -31.54
CA LYS A 185 -14.73 -7.80 -32.05
C LYS A 185 -13.42 -7.72 -31.29
N LYS A 186 -13.19 -6.62 -30.57
CA LYS A 186 -12.04 -6.46 -29.70
C LYS A 186 -12.54 -6.09 -28.31
N GLY A 187 -11.84 -6.58 -27.30
CA GLY A 187 -12.21 -6.25 -25.93
C GLY A 187 -11.61 -7.26 -24.97
N THR A 188 -11.92 -7.03 -23.69
CA THR A 188 -11.40 -7.85 -22.60
C THR A 188 -12.52 -8.07 -21.59
N ARG A 189 -12.46 -9.20 -20.89
CA ARG A 189 -13.50 -9.59 -19.94
C ARG A 189 -12.84 -10.27 -18.76
N VAL A 190 -12.91 -9.63 -17.59
CA VAL A 190 -12.35 -10.18 -16.36
C VAL A 190 -13.48 -10.78 -15.53
N LEU A 191 -13.26 -11.99 -15.04
CA LEU A 191 -14.28 -12.72 -14.28
C LEU A 191 -13.65 -13.23 -12.99
N ILE A 192 -14.08 -12.68 -11.86
CA ILE A 192 -13.51 -12.96 -10.55
C ILE A 192 -14.56 -13.71 -9.73
N TRP A 193 -14.19 -14.89 -9.23
CA TRP A 193 -15.07 -15.69 -8.39
C TRP A 193 -14.35 -16.06 -7.10
N ASN A 194 -15.07 -16.71 -6.20
CA ASN A 194 -14.64 -16.92 -4.81
C ASN A 194 -14.37 -15.56 -4.15
N ILE A 195 -15.43 -14.77 -4.06
CA ILE A 195 -15.28 -13.39 -3.59
C ILE A 195 -15.00 -13.36 -2.10
N ARG A 196 -14.49 -12.22 -1.65
CA ARG A 196 -14.13 -12.04 -0.25
C ARG A 196 -15.38 -12.00 0.61
N ARG A 197 -15.44 -12.89 1.61
CA ARG A 197 -16.51 -12.88 2.60
C ARG A 197 -15.93 -12.34 3.91
N ASN A 198 -16.65 -11.41 4.53
CA ASN A 198 -16.17 -10.83 5.77
C ASN A 198 -16.57 -11.71 6.96
N LYS A 199 -16.26 -11.23 8.16
CA LYS A 199 -16.25 -12.09 9.34
C LYS A 199 -17.65 -12.57 9.70
N ASN A 200 -18.68 -11.74 9.53
CA ASN A 200 -20.03 -12.16 9.90
C ASN A 200 -20.58 -13.27 9.00
N GLY A 201 -19.87 -13.64 7.94
CA GLY A 201 -20.29 -14.74 7.11
C GLY A 201 -20.72 -14.36 5.71
N LYS A 202 -21.38 -13.21 5.57
CA LYS A 202 -21.88 -12.77 4.28
C LYS A 202 -20.72 -12.33 3.38
N SER A 203 -21.07 -11.94 2.15
CA SER A 203 -20.08 -11.43 1.22
C SER A 203 -19.81 -9.97 1.52
N GLU A 204 -18.56 -9.55 1.30
CA GLU A 204 -18.17 -8.17 1.56
C GLU A 204 -18.96 -7.21 0.69
N LEU A 205 -19.16 -7.56 -0.58
CA LEU A 205 -19.96 -6.76 -1.48
C LEU A 205 -21.41 -7.26 -1.46
N ASP A 206 -22.34 -6.31 -1.54
CA ASP A 206 -23.77 -6.60 -1.44
C ASP A 206 -24.38 -6.60 -2.83
N PHE A 207 -25.04 -7.69 -3.18
CA PHE A 207 -25.68 -7.84 -4.49
C PHE A 207 -27.19 -7.88 -4.43
N ASP A 208 -27.78 -7.99 -3.25
CA ASP A 208 -29.21 -8.25 -3.12
C ASP A 208 -30.02 -7.05 -2.65
N THR A 209 -29.41 -6.12 -1.90
CA THR A 209 -30.15 -4.96 -1.42
C THR A 209 -30.64 -4.11 -2.58
N ASP A 210 -29.73 -3.73 -3.48
CA ASP A 210 -30.07 -2.92 -4.65
C ASP A 210 -29.65 -3.69 -5.90
N GLN A 211 -30.63 -4.05 -6.74
CA GLN A 211 -30.34 -4.85 -7.92
C GLN A 211 -29.51 -4.09 -8.94
N TYR A 212 -29.42 -2.77 -8.82
CA TYR A 212 -28.67 -1.95 -9.77
C TYR A 212 -27.47 -1.29 -9.10
N ASP A 213 -26.97 -1.88 -8.01
CA ASP A 213 -25.85 -1.32 -7.27
C ASP A 213 -25.14 -2.43 -6.54
N ILE A 214 -23.85 -2.22 -6.28
CA ILE A 214 -23.06 -3.13 -5.46
C ILE A 214 -22.64 -2.34 -4.22
N LEU A 215 -23.14 -2.75 -3.06
CA LEU A 215 -22.96 -2.01 -1.83
C LEU A 215 -21.95 -2.68 -0.92
N VAL A 216 -21.60 -1.98 0.15
CA VAL A 216 -20.76 -2.48 1.22
C VAL A 216 -21.59 -2.54 2.49
N SER A 217 -21.41 -3.59 3.28
CA SER A 217 -22.23 -3.79 4.46
C SER A 217 -21.87 -2.79 5.57
N ASP A 218 -22.27 -1.52 5.42
CA ASP A 218 -21.98 -0.53 6.45
C ASP A 218 -23.23 -0.32 7.31
N GLU A 232 -22.80 12.17 7.07
CA GLU A 232 -21.77 11.40 7.75
C GLU A 232 -20.78 10.81 6.74
N LEU A 233 -20.87 9.51 6.53
CA LEU A 233 -20.03 8.82 5.56
C LEU A 233 -20.57 9.06 4.16
N PRO A 234 -19.77 9.62 3.24
CA PRO A 234 -20.28 9.88 1.88
C PRO A 234 -20.80 8.60 1.24
N GLU A 235 -21.83 8.77 0.40
CA GLU A 235 -22.39 7.61 -0.28
C GLU A 235 -21.39 6.95 -1.23
N THR A 236 -20.31 7.65 -1.59
CA THR A 236 -19.28 7.05 -2.42
C THR A 236 -18.54 5.92 -1.70
N GLU A 237 -18.56 5.91 -0.38
CA GLU A 237 -17.81 4.90 0.38
C GLU A 237 -18.51 3.54 0.43
N TYR A 238 -19.83 3.50 0.19
CA TYR A 238 -20.55 2.24 0.24
C TYR A 238 -21.38 1.95 -1.01
N SER A 239 -21.57 2.91 -1.91
CA SER A 239 -22.34 2.71 -3.13
C SER A 239 -21.40 2.73 -4.33
N LEU A 240 -21.30 1.58 -5.02
CA LEU A 240 -20.42 1.51 -6.19
C LEU A 240 -20.91 2.41 -7.33
N ARG A 241 -22.22 2.64 -7.41
CA ARG A 241 -22.73 3.51 -8.47
C ARG A 241 -22.28 4.96 -8.26
N ALA A 242 -22.48 5.49 -7.04
CA ALA A 242 -22.03 6.85 -6.76
C ALA A 242 -20.52 6.97 -6.81
N PHE A 243 -19.80 5.91 -6.44
CA PHE A 243 -18.34 5.90 -6.53
C PHE A 243 -17.88 6.03 -7.97
N CYS A 244 -18.43 5.20 -8.86
CA CYS A 244 -18.12 5.31 -10.28
C CYS A 244 -18.59 6.63 -10.87
N GLY A 245 -19.57 7.28 -10.24
CA GLY A 245 -20.03 8.56 -10.75
C GLY A 245 -18.96 9.64 -10.69
N ILE A 246 -18.04 9.55 -9.73
CA ILE A 246 -17.03 10.58 -9.53
C ILE A 246 -15.61 10.04 -9.61
N LEU A 247 -15.45 8.77 -10.01
CA LEU A 247 -14.11 8.19 -10.05
C LEU A 247 -13.17 8.95 -10.99
N TYR A 248 -13.70 9.62 -12.02
CA TYR A 248 -12.86 10.32 -12.98
C TYR A 248 -13.25 11.80 -13.08
N MET A 249 -12.22 12.66 -13.18
CA MET A 249 -12.43 14.10 -13.16
C MET A 249 -13.19 14.58 -14.39
N LYS A 250 -12.85 14.03 -15.57
CA LYS A 250 -13.64 14.26 -16.78
C LYS A 250 -13.89 12.91 -17.42
N PRO A 251 -15.08 12.33 -17.26
CA PRO A 251 -15.32 10.98 -17.76
C PRO A 251 -15.33 10.94 -19.28
N ARG A 252 -14.64 9.95 -19.84
CA ARG A 252 -14.71 9.68 -21.26
C ARG A 252 -15.26 8.29 -21.56
N MET A 253 -15.14 7.35 -20.63
CA MET A 253 -15.62 5.99 -20.82
C MET A 253 -16.98 5.83 -20.14
N LYS A 254 -17.86 5.06 -20.78
CA LYS A 254 -19.15 4.75 -20.18
C LYS A 254 -19.03 3.56 -19.24
N ILE A 255 -19.76 3.63 -18.13
CA ILE A 255 -19.76 2.58 -17.11
C ILE A 255 -21.20 2.10 -16.94
N PHE A 256 -21.38 0.78 -17.05
CA PHE A 256 -22.67 0.13 -16.84
C PHE A 256 -22.54 -0.79 -15.63
N LEU A 257 -23.17 -0.40 -14.53
CA LEU A 257 -23.18 -1.21 -13.30
C LEU A 257 -24.45 -2.06 -13.29
N ARG A 258 -24.28 -3.36 -13.50
CA ARG A 258 -25.37 -4.32 -13.49
C ARG A 258 -26.41 -3.95 -14.55
N GLN A 259 -25.94 -3.84 -15.79
CA GLN A 259 -26.72 -3.57 -16.99
C GLN A 259 -27.39 -2.21 -17.00
N LYS A 260 -27.09 -1.35 -16.02
CA LYS A 260 -27.67 -0.02 -15.93
C LYS A 260 -26.55 1.01 -16.00
N LYS A 261 -26.71 1.98 -16.90
CA LYS A 261 -25.65 2.96 -17.13
C LYS A 261 -25.45 3.83 -15.90
N VAL A 262 -24.18 4.03 -15.53
CA VAL A 262 -23.84 4.91 -14.41
C VAL A 262 -23.72 6.32 -14.95
N THR A 263 -24.59 7.21 -14.46
CA THR A 263 -24.52 8.61 -14.87
C THR A 263 -23.33 9.28 -14.20
N THR A 264 -22.19 9.30 -14.90
CA THR A 264 -21.00 9.95 -14.40
C THR A 264 -21.13 11.46 -14.54
N GLN A 265 -20.22 12.18 -13.88
CA GLN A 265 -20.30 13.63 -13.87
C GLN A 265 -18.91 14.24 -13.78
N MET A 266 -18.77 15.43 -14.34
CA MET A 266 -17.57 16.26 -14.17
C MET A 266 -17.74 17.03 -12.86
N ILE A 267 -17.11 16.52 -11.80
CA ILE A 267 -17.41 16.99 -10.45
C ILE A 267 -17.11 18.49 -10.32
N ALA A 268 -16.22 19.01 -11.16
CA ALA A 268 -15.89 20.43 -11.11
C ALA A 268 -16.97 21.29 -11.74
N LYS A 269 -17.63 20.80 -12.78
CA LYS A 269 -18.62 21.59 -13.51
C LYS A 269 -20.02 21.51 -12.91
N SER A 270 -20.25 20.61 -11.96
CA SER A 270 -21.55 20.43 -11.32
C SER A 270 -21.67 21.17 -10.00
N LEU A 271 -20.94 22.27 -9.83
CA LEU A 271 -20.94 23.03 -8.60
C LEU A 271 -21.60 24.39 -8.82
N ALA A 272 -22.09 24.97 -7.72
CA ALA A 272 -22.73 26.27 -7.75
C ALA A 272 -21.83 27.31 -7.09
N ASN A 273 -21.95 28.56 -7.55
CA ASN A 273 -21.12 29.67 -7.07
C ASN A 273 -19.64 29.35 -7.21
N VAL A 274 -19.27 28.95 -8.43
CA VAL A 274 -17.92 28.43 -8.69
C VAL A 274 -16.93 29.58 -8.70
N GLU A 275 -15.85 29.44 -7.92
CA GLU A 275 -14.70 30.32 -7.98
C GLU A 275 -13.44 29.48 -8.17
N TYR A 276 -12.35 30.14 -8.56
CA TYR A 276 -11.12 29.45 -8.91
C TYR A 276 -9.95 29.95 -8.06
N ASP A 277 -8.93 29.10 -7.96
CA ASP A 277 -7.70 29.44 -7.27
C ASP A 277 -6.56 28.66 -7.92
N THR A 278 -5.34 28.87 -7.43
CA THR A 278 -4.18 28.23 -8.02
C THR A 278 -3.21 27.77 -6.93
N TYR A 279 -2.32 26.86 -7.31
CA TYR A 279 -1.28 26.36 -6.44
C TYR A 279 -0.02 26.10 -7.27
N LYS A 280 1.12 26.64 -6.82
CA LYS A 280 2.40 26.40 -7.47
C LYS A 280 3.25 25.47 -6.62
N PRO A 281 3.60 24.28 -7.11
CA PRO A 281 4.53 23.43 -6.35
C PRO A 281 5.89 24.11 -6.25
N THR A 282 6.59 23.80 -5.16
CA THR A 282 7.86 24.46 -4.90
C THR A 282 8.98 23.97 -5.82
N PHE A 283 8.80 22.82 -6.47
CA PHE A 283 9.85 22.22 -7.29
C PHE A 283 9.59 22.38 -8.78
N THR A 284 8.57 23.16 -9.16
CA THR A 284 8.27 23.40 -10.58
C THR A 284 7.58 24.75 -10.71
N ASN A 285 7.33 25.16 -11.95
CA ASN A 285 6.74 26.45 -12.26
C ASN A 285 5.40 26.31 -12.96
N LYS A 286 4.68 25.23 -12.69
CA LYS A 286 3.39 24.97 -13.32
C LYS A 286 2.26 25.27 -12.34
N GLN A 287 1.38 26.20 -12.72
CA GLN A 287 0.21 26.52 -11.92
C GLN A 287 -0.83 25.43 -12.07
N VAL A 288 -1.40 24.98 -10.95
CA VAL A 288 -2.47 24.01 -10.95
C VAL A 288 -3.75 24.71 -10.53
N ARG A 289 -4.79 24.58 -11.35
CA ARG A 289 -6.06 25.23 -11.08
C ARG A 289 -6.85 24.45 -10.02
N ILE A 290 -7.45 25.19 -9.09
CA ILE A 290 -8.33 24.64 -8.08
C ILE A 290 -9.71 25.25 -8.28
N THR A 291 -10.73 24.40 -8.30
CA THR A 291 -12.11 24.83 -8.52
C THR A 291 -12.89 24.66 -7.23
N PHE A 292 -13.41 25.76 -6.70
CA PHE A 292 -14.23 25.75 -5.50
C PHE A 292 -15.69 25.99 -5.87
N GLY A 293 -16.60 25.25 -5.25
CA GLY A 293 -18.00 25.43 -5.48
C GLY A 293 -18.84 24.81 -4.37
N PHE A 294 -20.15 24.82 -4.58
CA PHE A 294 -21.08 24.24 -3.62
C PHE A 294 -21.75 23.00 -4.22
N SER A 295 -21.94 21.99 -3.39
CA SER A 295 -22.62 20.78 -3.82
C SER A 295 -24.12 21.05 -4.00
N CYS A 296 -24.72 20.34 -4.95
CA CYS A 296 -26.13 20.52 -5.25
C CYS A 296 -27.02 19.44 -4.66
N LYS A 297 -26.44 18.37 -4.12
CA LYS A 297 -27.21 17.34 -3.43
C LYS A 297 -26.40 16.87 -2.24
N ASN A 298 -26.99 16.95 -1.04
CA ASN A 298 -26.29 16.60 0.19
C ASN A 298 -25.95 15.11 0.24
N GLN A 301 -19.94 13.68 1.37
CA GLN A 301 -20.91 14.69 0.98
C GLN A 301 -20.23 15.94 0.42
N PHE A 302 -19.15 16.38 1.08
CA PHE A 302 -18.38 17.52 0.61
C PHE A 302 -16.94 17.38 1.10
N GLY A 303 -16.04 18.15 0.47
CA GLY A 303 -14.64 18.11 0.83
C GLY A 303 -13.74 18.53 -0.31
N ILE A 304 -12.59 17.87 -0.45
CA ILE A 304 -11.61 18.17 -1.48
C ILE A 304 -11.41 16.93 -2.32
N MET A 305 -11.52 17.08 -3.64
CA MET A 305 -11.34 15.99 -4.59
C MET A 305 -9.94 16.12 -5.18
N MET A 306 -9.04 15.23 -4.77
CA MET A 306 -7.66 15.24 -5.21
C MET A 306 -7.48 14.16 -6.28
N TYR A 307 -7.23 14.59 -7.52
CA TYR A 307 -7.07 13.72 -8.67
C TYR A 307 -5.61 13.59 -9.07
N HIS A 308 -5.36 12.69 -10.01
CA HIS A 308 -4.01 12.45 -10.52
C HIS A 308 -4.15 11.69 -11.83
N ASN A 309 -3.83 12.35 -12.94
CA ASN A 309 -4.03 11.81 -14.28
C ASN A 309 -5.49 11.38 -14.49
N ASN A 310 -6.40 12.29 -14.13
CA ASN A 310 -7.84 12.13 -14.26
C ASN A 310 -8.45 11.14 -13.27
N ARG A 311 -7.63 10.47 -12.46
CA ARG A 311 -8.12 9.47 -11.53
C ARG A 311 -8.22 10.05 -10.12
N LEU A 312 -9.30 9.71 -9.43
CA LEU A 312 -9.54 10.19 -8.07
C LEU A 312 -8.67 9.42 -7.08
N ILE A 313 -7.85 10.15 -6.33
CA ILE A 313 -6.95 9.55 -5.35
C ILE A 313 -7.47 9.75 -3.93
N LYS A 314 -7.84 10.97 -3.58
CA LYS A 314 -8.39 11.29 -2.28
C LYS A 314 -9.74 11.98 -2.47
N SER A 315 -10.76 11.46 -1.80
CA SER A 315 -12.13 11.88 -2.01
C SER A 315 -12.69 12.51 -0.75
N PHE A 316 -13.28 13.70 -0.89
CA PHE A 316 -13.98 14.39 0.18
C PHE A 316 -13.09 14.58 1.41
N GLU A 317 -11.93 15.17 1.19
CA GLU A 317 -11.00 15.47 2.27
C GLU A 317 -11.40 16.81 2.89
N LYS A 318 -11.86 16.77 4.13
CA LYS A 318 -12.17 18.00 4.85
C LYS A 318 -10.89 18.76 5.16
N VAL A 319 -10.85 20.04 4.80
CA VAL A 319 -9.70 20.89 5.06
C VAL A 319 -10.18 22.22 5.64
N GLY A 320 -9.32 22.87 6.41
CA GLY A 320 -9.63 24.19 6.93
C GLY A 320 -10.83 24.16 7.86
N CYS A 321 -11.75 25.09 7.66
CA CYS A 321 -12.93 25.24 8.51
C CYS A 321 -14.01 24.20 8.25
N GLN A 322 -13.61 23.01 7.82
CA GLN A 322 -14.56 21.94 7.56
C GLN A 322 -14.56 20.87 8.65
N VAL A 323 -13.69 21.02 9.65
CA VAL A 323 -13.57 20.00 10.70
C VAL A 323 -14.38 20.41 11.92
N GLY A 330 -18.31 25.59 7.06
CA GLY A 330 -17.76 25.29 5.75
C GLY A 330 -18.41 24.09 5.10
N VAL A 331 -19.70 23.91 5.38
CA VAL A 331 -20.44 22.75 4.91
C VAL A 331 -20.89 22.96 3.48
N GLY A 332 -20.79 21.91 2.67
CA GLY A 332 -21.30 21.91 1.32
C GLY A 332 -20.34 22.36 0.24
N VAL A 333 -19.20 22.95 0.60
CA VAL A 333 -18.24 23.45 -0.37
C VAL A 333 -17.32 22.30 -0.81
N ILE A 334 -17.11 22.21 -2.12
CA ILE A 334 -16.25 21.18 -2.71
C ILE A 334 -15.14 21.86 -3.49
N GLY A 335 -13.91 21.42 -3.28
CA GLY A 335 -12.77 21.91 -4.01
C GLY A 335 -12.11 20.82 -4.84
N VAL A 336 -11.99 21.06 -6.15
CA VAL A 336 -11.45 20.07 -7.08
C VAL A 336 -10.05 20.50 -7.49
N ILE A 337 -9.12 19.56 -7.47
CA ILE A 337 -7.73 19.84 -7.86
C ILE A 337 -7.13 18.55 -8.39
N GLU A 338 -6.37 18.67 -9.48
CA GLU A 338 -5.64 17.56 -10.08
C GLU A 338 -4.15 17.75 -9.78
N CYS A 339 -3.58 16.82 -9.02
CA CYS A 339 -2.21 16.91 -8.55
C CYS A 339 -1.35 15.93 -9.35
N ASN A 340 -0.94 16.34 -10.54
CA ASN A 340 0.01 15.56 -11.30
C ASN A 340 1.43 15.69 -10.76
N PHE A 341 1.68 16.73 -9.95
CA PHE A 341 2.99 16.91 -9.32
C PHE A 341 3.19 16.00 -8.12
N LEU A 342 2.16 15.29 -7.69
CA LEU A 342 2.30 14.28 -6.65
C LEU A 342 2.33 12.91 -7.32
N LYS A 343 2.63 11.87 -6.53
CA LYS A 343 2.69 10.52 -7.05
C LYS A 343 1.92 9.64 -6.09
N PRO A 344 0.90 8.91 -6.55
CA PRO A 344 0.08 8.11 -5.64
C PRO A 344 0.85 6.94 -5.05
N ALA A 345 0.25 6.36 -4.01
CA ALA A 345 0.83 5.21 -3.34
C ALA A 345 0.58 3.95 -4.15
N TYR A 346 1.00 2.81 -3.60
CA TYR A 346 0.91 1.54 -4.31
C TYR A 346 -0.54 1.18 -4.64
N ASN A 347 -1.48 1.62 -3.80
CA ASN A 347 -2.90 1.34 -4.00
C ASN A 347 -3.66 2.50 -4.61
N LYS A 348 -3.00 3.64 -4.84
CA LYS A 348 -3.63 4.84 -5.39
C LYS A 348 -4.81 5.29 -4.53
N GLN A 349 -4.69 5.13 -3.22
CA GLN A 349 -5.67 5.68 -2.29
C GLN A 349 -5.16 6.92 -1.57
N ASP A 350 -3.89 7.27 -1.74
CA ASP A 350 -3.30 8.44 -1.11
C ASP A 350 -2.03 8.78 -1.87
N PHE A 351 -1.26 9.72 -1.34
CA PHE A 351 -0.01 10.16 -1.96
C PHE A 351 1.15 9.92 -1.01
N GLU A 352 2.36 10.03 -1.56
CA GLU A 352 3.56 9.98 -0.75
C GLU A 352 3.61 11.20 0.16
N TYR A 353 3.91 10.97 1.44
CA TYR A 353 3.89 12.04 2.44
C TYR A 353 5.17 12.86 2.32
N THR A 354 5.13 13.90 1.51
CA THR A 354 6.27 14.77 1.26
C THR A 354 5.92 16.20 1.63
N LYS A 355 6.95 17.06 1.56
CA LYS A 355 6.73 18.49 1.80
C LYS A 355 5.71 19.06 0.83
N GLU A 356 5.72 18.57 -0.42
CA GLU A 356 4.76 19.05 -1.41
C GLU A 356 3.33 18.71 -1.01
N TYR A 357 3.12 17.52 -0.45
CA TYR A 357 1.77 17.11 -0.08
C TYR A 357 1.23 17.97 1.06
N ARG A 358 2.03 18.12 2.13
CA ARG A 358 1.59 18.94 3.25
C ARG A 358 1.37 20.39 2.83
N LEU A 359 2.26 20.91 1.97
CA LEU A 359 2.08 22.28 1.47
C LEU A 359 0.81 22.40 0.64
N THR A 360 0.51 21.39 -0.18
CA THR A 360 -0.70 21.43 -0.98
C THR A 360 -1.94 21.42 -0.10
N ILE A 361 -1.96 20.58 0.95
CA ILE A 361 -3.11 20.54 1.84
C ILE A 361 -3.25 21.86 2.61
N ASN A 362 -2.14 22.43 3.08
CA ASN A 362 -2.21 23.73 3.76
C ASN A 362 -2.77 24.80 2.84
N ALA A 363 -2.29 24.83 1.58
CA ALA A 363 -2.80 25.81 0.61
C ALA A 363 -4.28 25.59 0.35
N LEU A 364 -4.70 24.35 0.17
CA LEU A 364 -6.11 24.07 -0.06
C LEU A 364 -6.96 24.53 1.12
N ALA A 365 -6.51 24.29 2.35
CA ALA A 365 -7.24 24.75 3.52
C ALA A 365 -7.36 26.27 3.54
N GLN A 366 -6.24 26.98 3.32
CA GLN A 366 -6.27 28.43 3.33
C GLN A 366 -7.21 28.98 2.25
N LYS A 367 -7.08 28.48 1.02
CA LYS A 367 -7.90 28.99 -0.08
C LYS A 367 -9.37 28.63 0.12
N LEU A 368 -9.68 27.46 0.68
CA LEU A 368 -11.07 27.13 0.95
C LEU A 368 -11.66 28.04 2.02
N ASN A 369 -10.86 28.35 3.06
CA ASN A 369 -11.32 29.31 4.05
C ASN A 369 -11.59 30.67 3.40
N ALA A 370 -10.71 31.11 2.52
CA ALA A 370 -10.92 32.37 1.80
C ALA A 370 -12.20 32.30 0.96
N TYR A 371 -12.42 31.19 0.27
CA TYR A 371 -13.63 31.03 -0.55
C TYR A 371 -14.89 31.12 0.29
N TRP A 372 -14.94 30.37 1.40
CA TRP A 372 -16.13 30.39 2.23
C TRP A 372 -16.33 31.77 2.86
N LYS A 373 -15.23 32.46 3.17
CA LYS A 373 -15.32 33.84 3.66
C LYS A 373 -15.88 34.77 2.60
N GLU A 374 -15.59 34.50 1.33
CA GLU A 374 -16.07 35.34 0.22
C GLU A 374 -17.59 35.28 0.07
N LYS A 375 -18.26 34.32 0.69
CA LYS A 375 -19.71 34.20 0.57
C LYS A 375 -20.46 34.86 1.71
N THR A 376 -19.76 35.54 2.63
CA THR A 376 -20.40 36.22 3.74
C THR A 376 -19.77 37.59 3.99
N LYS A 392 -28.62 24.30 -4.17
CA LYS A 392 -29.28 24.88 -5.34
C LYS A 392 -28.92 24.12 -6.61
N VAL A 393 -29.02 24.80 -7.75
CA VAL A 393 -28.73 24.21 -9.05
C VAL A 393 -27.35 24.66 -9.51
N PRO A 394 -26.59 23.82 -10.21
CA PRO A 394 -25.23 24.20 -10.58
C PRO A 394 -25.21 25.35 -11.57
N ASP A 395 -24.07 26.06 -11.57
CA ASP A 395 -23.91 27.20 -12.48
C ASP A 395 -23.93 26.77 -13.94
N GLN A 396 -23.41 25.58 -14.25
CA GLN A 396 -23.41 25.08 -15.61
C GLN A 396 -23.91 23.64 -15.63
N THR A 397 -24.56 23.27 -16.73
CA THR A 397 -25.08 21.93 -16.93
C THR A 397 -24.37 21.31 -18.12
N TRP A 398 -23.74 20.16 -17.89
CA TRP A 398 -22.98 19.47 -18.91
C TRP A 398 -23.44 18.03 -19.02
N VAL A 399 -23.62 17.57 -20.25
CA VAL A 399 -24.10 16.23 -20.54
C VAL A 399 -23.12 15.56 -21.49
N GLN A 400 -22.93 14.25 -21.32
CA GLN A 400 -22.06 13.48 -22.17
C GLN A 400 -22.90 12.75 -23.21
N CYS A 401 -22.52 12.88 -24.48
CA CYS A 401 -23.24 12.24 -25.54
C CYS A 401 -23.03 10.73 -25.48
N ASP A 402 -24.11 9.97 -25.73
CA ASP A 402 -24.07 8.53 -25.51
C ASP A 402 -23.26 7.82 -26.58
N GLU A 403 -23.48 8.18 -27.86
CA GLU A 403 -22.71 7.61 -28.95
C GLU A 403 -21.35 8.28 -29.13
N CYS A 404 -21.20 9.49 -28.61
CA CYS A 404 -20.11 10.39 -28.96
C CYS A 404 -19.07 10.57 -27.86
N LEU A 405 -19.48 10.49 -26.59
CA LEU A 405 -18.62 10.57 -25.41
C LEU A 405 -18.06 11.96 -25.16
N LYS A 406 -18.48 12.96 -25.92
CA LYS A 406 -18.09 14.34 -25.66
C LYS A 406 -19.04 14.99 -24.66
N TRP A 407 -18.53 16.03 -23.99
CA TRP A 407 -19.31 16.77 -23.01
C TRP A 407 -19.80 18.07 -23.63
N ARG A 408 -21.12 18.25 -23.64
CA ARG A 408 -21.77 19.43 -24.19
C ARG A 408 -22.37 20.27 -23.07
N LYS A 409 -22.23 21.59 -23.17
CA LYS A 409 -22.82 22.49 -22.19
C LYS A 409 -24.22 22.89 -22.66
N LEU A 410 -25.22 22.52 -21.87
CA LEU A 410 -26.63 22.83 -22.06
C LEU A 410 -27.06 23.98 -21.15
N PRO A 411 -27.99 24.80 -21.57
CA PRO A 411 -28.59 25.79 -20.65
C PRO A 411 -29.83 25.24 -19.95
N GLY A 412 -29.63 24.26 -19.06
CA GLY A 412 -30.72 23.55 -18.45
C GLY A 412 -30.53 23.38 -16.95
N LYS A 413 -31.03 22.26 -16.43
CA LYS A 413 -31.06 21.97 -15.01
C LYS A 413 -30.41 20.62 -14.74
N ILE A 414 -30.17 20.35 -13.45
CA ILE A 414 -29.56 19.11 -13.01
C ILE A 414 -30.28 18.57 -11.76
N MET A 418 -32.15 13.32 -11.50
CA MET A 418 -30.85 13.89 -11.83
C MET A 418 -30.67 14.06 -13.35
N LEU A 419 -29.53 13.60 -13.87
CA LEU A 419 -29.21 13.76 -15.28
C LEU A 419 -29.83 12.66 -16.12
N PRO A 420 -30.02 12.90 -17.42
CA PRO A 420 -30.59 11.86 -18.28
C PRO A 420 -29.67 10.68 -18.46
N ALA A 421 -30.27 9.51 -18.67
CA ALA A 421 -29.49 8.30 -18.89
C ALA A 421 -28.81 8.33 -20.26
N ARG A 422 -29.60 8.37 -21.32
CA ARG A 422 -29.09 8.42 -22.69
C ARG A 422 -29.34 9.81 -23.27
N TRP A 423 -28.31 10.38 -23.89
CA TRP A 423 -28.39 11.70 -24.50
C TRP A 423 -27.37 11.75 -25.63
N PHE A 424 -27.75 12.43 -26.72
CA PHE A 424 -26.92 12.48 -27.91
C PHE A 424 -26.72 13.93 -28.34
N CYS A 425 -25.62 14.17 -29.05
CA CYS A 425 -25.33 15.53 -29.52
C CYS A 425 -26.44 16.05 -30.42
N TYR A 426 -27.10 15.16 -31.17
CA TYR A 426 -28.16 15.54 -32.09
C TYR A 426 -29.36 16.17 -31.40
N TYR A 427 -29.42 16.12 -30.06
CA TYR A 427 -30.56 16.62 -29.30
C TYR A 427 -30.27 17.97 -28.65
N ASN A 428 -29.14 18.58 -28.95
CA ASN A 428 -28.72 19.82 -28.32
C ASN A 428 -29.58 21.01 -28.78
N SER A 429 -29.47 22.09 -28.02
CA SER A 429 -30.10 23.38 -28.36
C SER A 429 -29.06 24.36 -28.88
N HIS A 430 -28.24 23.90 -29.83
CA HIS A 430 -27.11 24.65 -30.37
C HIS A 430 -26.25 25.27 -29.27
N TYR A 433 -22.80 22.88 -32.20
CA TYR A 433 -22.54 21.80 -31.27
C TYR A 433 -23.58 20.68 -31.39
N ARG A 434 -24.43 20.77 -32.43
CA ARG A 434 -25.52 19.83 -32.60
C ARG A 434 -25.10 18.53 -33.27
N ARG A 435 -23.90 18.47 -33.83
CA ARG A 435 -23.40 17.28 -34.50
C ARG A 435 -22.30 16.63 -33.67
N CYS A 436 -22.20 15.30 -33.77
CA CYS A 436 -21.19 14.56 -33.00
C CYS A 436 -19.79 14.75 -33.54
N SER A 437 -19.62 15.41 -34.69
CA SER A 437 -18.32 15.63 -35.29
C SER A 437 -17.65 16.91 -34.79
N VAL A 438 -18.40 17.79 -34.15
CA VAL A 438 -17.81 19.02 -33.59
C VAL A 438 -17.09 18.66 -32.30
N PRO A 439 -15.85 19.12 -32.10
CA PRO A 439 -15.13 18.76 -30.88
C PRO A 439 -15.72 19.43 -29.66
N GLU A 440 -15.20 19.11 -28.48
CA GLU A 440 -15.72 19.67 -27.24
C GLU A 440 -15.48 21.17 -27.19
N GLU A 441 -16.13 21.80 -26.22
CA GLU A 441 -15.93 23.22 -26.01
C GLU A 441 -14.53 23.49 -25.49
N GLN A 442 -14.29 24.76 -25.17
CA GLN A 442 -12.93 25.23 -24.90
C GLN A 442 -12.33 24.57 -23.68
N GLU A 443 -13.11 24.46 -22.59
CA GLU A 443 -12.74 23.83 -21.30
C GLU A 443 -11.40 23.12 -21.23
N GLY B 1 6.27 -27.31 -16.86
CA GLY B 1 4.99 -27.61 -17.47
C GLY B 1 4.31 -26.40 -18.07
N ILE B 2 3.71 -25.59 -17.20
CA ILE B 2 3.06 -24.34 -17.59
C ILE B 2 3.99 -23.19 -17.21
N ARG B 3 4.10 -22.21 -18.10
CA ARG B 3 5.05 -21.13 -17.89
C ARG B 3 4.71 -20.34 -16.64
N LEU B 4 5.75 -19.99 -15.87
CA LEU B 4 5.57 -19.28 -14.62
C LEU B 4 5.20 -17.82 -14.85
N SER B 5 4.63 -17.21 -13.82
CA SER B 5 4.39 -15.77 -13.82
C SER B 5 5.72 -15.07 -13.57
N THR B 6 6.26 -14.45 -14.62
CA THR B 6 7.54 -13.77 -14.48
C THR B 6 7.36 -12.44 -13.75
N MET B 7 8.48 -11.83 -13.38
CA MET B 7 8.47 -10.56 -12.65
C MET B 7 9.53 -9.65 -13.24
N SER B 8 9.10 -8.51 -13.75
CA SER B 8 10.02 -7.56 -14.35
C SER B 8 10.86 -6.88 -13.27
N PRO B 9 12.12 -6.55 -13.59
CA PRO B 9 12.92 -5.77 -12.63
C PRO B 9 12.29 -4.44 -12.27
N ARG B 10 11.42 -3.90 -13.13
CA ARG B 10 10.70 -2.69 -12.80
C ARG B 10 9.81 -2.86 -11.58
N TYR B 11 9.38 -4.11 -11.31
CA TYR B 11 8.53 -4.36 -10.15
C TYR B 11 9.23 -3.98 -8.85
N LEU B 12 10.55 -4.19 -8.78
CA LEU B 12 11.30 -3.76 -7.60
C LEU B 12 11.12 -2.27 -7.34
N GLN B 13 11.14 -1.45 -8.40
CA GLN B 13 10.84 -0.04 -8.25
C GLN B 13 9.38 0.18 -7.87
N SER B 14 8.47 -0.53 -8.55
CA SER B 14 7.05 -0.36 -8.29
C SER B 14 6.68 -0.73 -6.85
N ASN B 15 7.16 -1.89 -6.38
CA ASN B 15 6.82 -2.33 -5.03
C ASN B 15 7.31 -1.36 -3.97
N SER B 16 8.42 -0.65 -4.25
CA SER B 16 8.95 0.32 -3.30
C SER B 16 7.93 1.41 -2.97
N SER B 17 6.98 1.67 -3.88
CA SER B 17 5.96 2.67 -3.63
C SER B 17 4.94 2.23 -2.60
N SER B 18 5.08 1.02 -2.04
CA SER B 18 4.17 0.58 -1.00
C SER B 18 4.26 1.49 0.22
N HIS B 19 5.46 1.98 0.53
CA HIS B 19 5.70 2.84 1.67
C HIS B 19 5.66 4.30 1.24
N THR B 20 4.73 5.06 1.81
CA THR B 20 4.67 6.48 1.52
C THR B 20 5.77 7.27 2.24
N ARG B 21 6.32 6.70 3.30
CA ARG B 21 7.39 7.29 4.09
C ARG B 21 8.57 6.34 4.24
N PRO B 22 9.81 6.85 4.19
CA PRO B 22 10.97 5.95 4.28
C PRO B 22 11.18 5.38 5.67
N PHE B 23 10.73 6.08 6.71
CA PHE B 23 10.79 5.52 8.05
C PHE B 23 9.98 4.24 8.15
N SER B 24 8.98 4.07 7.28
CA SER B 24 8.23 2.82 7.27
C SER B 24 9.06 1.67 6.71
N ALA B 25 9.89 1.95 5.70
CA ALA B 25 10.80 0.93 5.19
C ALA B 25 11.86 0.57 6.23
N ILE B 26 12.43 1.57 6.89
CA ILE B 26 13.38 1.30 7.96
C ILE B 26 12.72 0.49 9.07
N ALA B 27 11.47 0.81 9.39
CA ALA B 27 10.72 0.05 10.38
C ALA B 27 10.48 -1.38 9.91
N GLU B 28 10.28 -1.58 8.61
CA GLU B 28 10.17 -2.93 8.08
C GLU B 28 11.42 -3.74 8.36
N LEU B 29 12.58 -3.16 8.07
CA LEU B 29 13.84 -3.85 8.35
C LEU B 29 13.99 -4.14 9.84
N LEU B 30 13.60 -3.18 10.68
CA LEU B 30 13.70 -3.40 12.13
C LEU B 30 12.76 -4.52 12.58
N ASP B 31 11.55 -4.58 12.02
CA ASP B 31 10.64 -5.67 12.34
C ASP B 31 11.20 -7.00 11.89
N ASN B 32 11.92 -6.97 10.77
CA ASN B 32 12.58 -8.19 10.22
C ASN B 32 13.65 -8.64 11.21
N ALA B 33 14.26 -7.69 11.94
CA ALA B 33 15.28 -8.05 12.93
C ALA B 33 14.70 -8.47 14.29
N VAL B 34 13.41 -8.28 14.55
CA VAL B 34 12.82 -8.57 15.86
C VAL B 34 11.92 -9.79 15.85
N ASP B 35 11.59 -10.35 14.68
CA ASP B 35 10.62 -11.42 14.62
C ASP B 35 11.08 -12.63 15.43
N PRO B 36 10.16 -13.38 16.02
CA PRO B 36 10.56 -14.43 16.98
C PRO B 36 11.52 -15.45 16.38
N ASP B 37 11.47 -15.65 15.06
CA ASP B 37 12.44 -16.52 14.41
C ASP B 37 13.84 -15.95 14.56
N VAL B 38 14.02 -14.68 14.18
CA VAL B 38 15.33 -14.03 14.30
C VAL B 38 15.61 -13.69 15.76
N SER B 39 14.78 -12.83 16.34
CA SER B 39 14.90 -12.41 17.74
C SER B 39 16.29 -11.86 18.05
N ALA B 40 16.68 -10.83 17.30
CA ALA B 40 17.95 -10.17 17.57
C ALA B 40 17.86 -9.34 18.84
N ARG B 41 18.99 -9.25 19.54
CA ARG B 41 19.05 -8.42 20.75
C ARG B 41 19.50 -7.00 20.47
N THR B 42 20.35 -6.80 19.46
CA THR B 42 20.85 -5.47 19.12
C THR B 42 20.80 -5.29 17.61
N VAL B 43 20.38 -4.11 17.18
CA VAL B 43 20.41 -3.73 15.77
C VAL B 43 21.22 -2.44 15.64
N PHE B 44 21.96 -2.33 14.55
CA PHE B 44 22.81 -1.17 14.31
C PHE B 44 22.40 -0.52 13.01
N ILE B 45 21.89 0.71 13.10
CA ILE B 45 21.57 1.54 11.95
C ILE B 45 22.66 2.59 11.82
N ASP B 46 23.31 2.65 10.67
CA ASP B 46 24.37 3.61 10.47
C ASP B 46 24.45 3.96 8.98
N VAL B 47 25.25 4.98 8.69
CA VAL B 47 25.53 5.39 7.31
C VAL B 47 27.02 5.26 7.09
N GLU B 48 27.40 4.46 6.08
CA GLU B 48 28.79 4.19 5.77
C GLU B 48 29.06 4.58 4.32
N GLU B 49 30.26 5.09 4.07
CA GLU B 49 30.67 5.53 2.74
C GLU B 49 31.52 4.43 2.10
N VAL B 50 30.99 3.80 1.06
CA VAL B 50 31.66 2.73 0.34
C VAL B 50 31.65 3.09 -1.14
N LYS B 51 32.83 3.01 -1.77
CA LYS B 51 32.98 3.32 -3.20
C LYS B 51 32.51 4.74 -3.51
N ASN B 52 32.82 5.67 -2.60
CA ASN B 52 32.40 7.06 -2.70
C ASN B 52 30.89 7.17 -2.91
N LYS B 53 30.14 6.42 -2.08
CA LYS B 53 28.70 6.39 -2.17
C LYS B 53 28.13 6.07 -0.81
N SER B 54 27.09 6.79 -0.42
CA SER B 54 26.47 6.58 0.89
C SER B 54 25.70 5.27 0.91
N CYS B 55 25.79 4.58 2.04
CA CYS B 55 25.16 3.27 2.20
C CYS B 55 24.45 3.19 3.54
N LEU B 56 23.20 2.77 3.52
CA LEU B 56 22.47 2.51 4.76
C LEU B 56 22.80 1.10 5.25
N THR B 57 23.11 0.98 6.54
CA THR B 57 23.54 -0.28 7.13
C THR B 57 22.58 -0.66 8.25
N PHE B 58 22.08 -1.90 8.21
CA PHE B 58 21.20 -2.45 9.23
C PHE B 58 21.76 -3.81 9.64
N THR B 59 22.47 -3.83 10.76
CA THR B 59 23.19 -5.02 11.22
C THR B 59 22.55 -5.51 12.52
N ASP B 60 22.04 -6.73 12.50
CA ASP B 60 21.43 -7.36 13.66
C ASP B 60 22.22 -8.60 14.05
N ASP B 61 22.22 -8.90 15.35
CA ASP B 61 22.90 -10.08 15.89
C ASP B 61 21.92 -11.19 16.21
N GLY B 62 21.05 -11.51 15.25
CA GLY B 62 19.98 -12.47 15.44
C GLY B 62 20.40 -13.89 15.16
N CYS B 63 19.44 -14.67 14.64
CA CYS B 63 19.66 -16.09 14.41
C CYS B 63 20.47 -16.37 13.15
N GLY B 64 20.33 -15.53 12.13
CA GLY B 64 20.93 -15.78 10.84
C GLY B 64 20.08 -16.68 9.98
N MET B 65 20.52 -16.84 8.73
CA MET B 65 19.75 -17.58 7.73
C MET B 65 20.66 -18.55 6.99
N THR B 66 20.04 -19.62 6.48
CA THR B 66 20.71 -20.52 5.56
C THR B 66 20.68 -19.92 4.15
N PRO B 67 21.56 -20.39 3.25
CA PRO B 67 21.49 -19.92 1.86
C PRO B 67 20.13 -20.14 1.22
N HIS B 68 19.47 -21.25 1.55
CA HIS B 68 18.13 -21.51 1.02
C HIS B 68 17.13 -20.48 1.55
N LYS B 69 17.16 -20.24 2.87
CA LYS B 69 16.27 -19.23 3.45
C LYS B 69 16.65 -17.83 3.03
N LEU B 70 17.90 -17.59 2.64
CA LEU B 70 18.25 -16.30 2.07
C LEU B 70 17.60 -16.13 0.70
N HIS B 71 17.57 -17.21 -0.09
CA HIS B 71 16.83 -17.16 -1.35
C HIS B 71 15.34 -16.93 -1.10
N ARG B 72 14.80 -17.56 -0.07
CA ARG B 72 13.42 -17.30 0.31
C ARG B 72 13.21 -15.83 0.69
N MET B 73 14.22 -15.22 1.33
CA MET B 73 14.13 -13.80 1.68
C MET B 73 14.05 -12.92 0.43
N LEU B 74 14.98 -13.13 -0.51
CA LEU B 74 15.03 -12.35 -1.74
C LEU B 74 13.95 -12.76 -2.74
N SER B 75 13.06 -13.67 -2.38
CA SER B 75 11.92 -14.04 -3.19
C SER B 75 10.64 -13.49 -2.58
N PHE B 76 9.56 -13.54 -3.35
CA PHE B 76 8.31 -12.88 -2.98
C PHE B 76 7.30 -13.89 -2.46
N GLY B 77 6.65 -13.54 -1.34
CA GLY B 77 5.58 -14.32 -0.79
C GLY B 77 6.00 -15.47 0.10
N PHE B 78 7.29 -15.66 0.33
CA PHE B 78 7.78 -16.77 1.13
C PHE B 78 7.94 -16.32 2.58
N THR B 79 7.12 -16.88 3.46
CA THR B 79 7.16 -16.57 4.88
C THR B 79 6.55 -17.73 5.66
N ASP B 80 7.18 -18.08 6.78
CA ASP B 80 6.71 -19.16 7.64
C ASP B 80 5.91 -18.67 8.83
N LYS B 81 5.53 -17.39 8.85
CA LYS B 81 4.76 -16.79 9.94
C LYS B 81 5.35 -17.11 11.32
N PRO B 89 3.74 -13.12 15.48
CA PRO B 89 4.77 -12.46 14.68
C PRO B 89 4.21 -11.25 13.92
N ILE B 90 5.11 -10.40 13.44
CA ILE B 90 4.69 -9.20 12.71
C ILE B 90 4.66 -9.44 11.21
N GLY B 91 5.70 -10.08 10.68
CA GLY B 91 5.72 -10.37 9.25
C GLY B 91 4.68 -11.42 8.89
N VAL B 92 3.97 -11.18 7.79
CA VAL B 92 2.91 -12.07 7.36
C VAL B 92 2.88 -12.19 5.84
N PHE B 93 3.31 -11.13 5.15
CA PHE B 93 3.11 -11.05 3.71
C PHE B 93 4.23 -11.71 2.92
N GLY B 94 5.48 -11.56 3.34
CA GLY B 94 6.60 -12.06 2.57
C GLY B 94 6.99 -11.12 1.45
N ASN B 95 7.15 -9.85 1.79
CA ASN B 95 7.39 -8.80 0.80
C ASN B 95 8.11 -7.63 1.45
N GLY B 96 7.97 -7.51 2.78
CA GLY B 96 8.52 -6.42 3.55
C GLY B 96 9.93 -5.97 3.20
N PHE B 97 10.87 -6.91 3.13
CA PHE B 97 12.23 -6.53 2.75
C PHE B 97 12.29 -6.04 1.32
N LYS B 98 11.62 -6.73 0.40
CA LYS B 98 11.72 -6.37 -1.01
C LYS B 98 11.11 -4.99 -1.30
N SER B 99 10.13 -4.57 -0.50
CA SER B 99 9.59 -3.22 -0.65
C SER B 99 10.40 -2.21 0.14
N GLY B 100 10.84 -2.58 1.35
CA GLY B 100 11.53 -1.62 2.21
C GLY B 100 12.91 -1.25 1.68
N SER B 101 13.71 -2.25 1.31
CA SER B 101 15.05 -1.97 0.82
C SER B 101 15.02 -1.16 -0.47
N MET B 102 14.11 -1.48 -1.39
CA MET B 102 14.01 -0.72 -2.63
C MET B 102 13.46 0.67 -2.38
N ARG B 103 12.62 0.85 -1.36
CA ARG B 103 12.15 2.18 -1.01
C ARG B 103 13.29 3.05 -0.50
N LEU B 104 14.32 2.43 0.10
CA LEU B 104 15.46 3.14 0.64
C LEU B 104 16.54 3.41 -0.40
N GLY B 105 16.76 2.47 -1.31
CA GLY B 105 17.78 2.63 -2.33
C GLY B 105 17.57 1.68 -3.47
N LYS B 106 18.32 1.90 -4.54
CA LYS B 106 18.16 1.10 -5.76
C LYS B 106 18.79 -0.28 -5.65
N ASP B 107 19.81 -0.43 -4.81
CA ASP B 107 20.56 -1.68 -4.71
C ASP B 107 20.73 -2.07 -3.24
N ALA B 108 20.72 -3.37 -2.97
CA ALA B 108 20.82 -3.88 -1.62
C ALA B 108 21.64 -5.16 -1.59
N LEU B 109 22.53 -5.27 -0.60
CA LEU B 109 23.30 -6.47 -0.33
C LEU B 109 22.93 -6.99 1.05
N VAL B 110 22.81 -8.30 1.18
CA VAL B 110 22.42 -8.95 2.43
C VAL B 110 23.50 -9.97 2.80
N PHE B 111 24.23 -9.68 3.87
CA PHE B 111 25.16 -10.65 4.45
C PHE B 111 24.48 -11.33 5.64
N THR B 112 24.65 -12.64 5.73
CA THR B 112 24.04 -13.40 6.81
C THR B 112 24.94 -14.56 7.18
N LYS B 113 25.08 -14.81 8.48
CA LYS B 113 25.82 -15.95 8.98
C LYS B 113 25.04 -16.59 10.12
N ASN B 114 24.96 -17.93 10.10
CA ASN B 114 24.21 -18.70 11.08
C ASN B 114 25.13 -19.60 11.90
N GLY B 115 26.37 -19.16 12.09
CA GLY B 115 27.38 -19.91 12.82
C GLY B 115 27.88 -21.13 12.09
N GLY B 116 27.78 -21.16 10.76
CA GLY B 116 28.22 -22.29 9.98
C GLY B 116 28.36 -21.96 8.51
N THR B 117 27.52 -21.05 8.02
CA THR B 117 27.53 -20.64 6.63
C THR B 117 27.56 -19.12 6.55
N LEU B 118 28.37 -18.60 5.61
CA LEU B 118 28.41 -17.18 5.29
C LEU B 118 27.77 -17.02 3.92
N THR B 119 26.61 -16.39 3.86
CA THR B 119 25.85 -16.26 2.61
C THR B 119 25.58 -14.79 2.31
N VAL B 120 25.84 -14.39 1.07
CA VAL B 120 25.60 -13.03 0.61
C VAL B 120 24.55 -13.07 -0.50
N GLY B 121 23.69 -12.07 -0.53
CA GLY B 121 22.69 -11.95 -1.58
C GLY B 121 22.62 -10.55 -2.12
N LEU B 122 22.26 -10.46 -3.40
CA LEU B 122 22.23 -9.19 -4.12
C LEU B 122 20.87 -8.98 -4.75
N LEU B 123 20.19 -7.90 -4.37
CA LEU B 123 18.95 -7.44 -4.98
C LEU B 123 19.22 -6.02 -5.47
N SER B 124 19.72 -5.90 -6.69
CA SER B 124 20.21 -4.63 -7.22
C SER B 124 19.51 -4.32 -8.53
N GLN B 125 18.86 -3.15 -8.58
CA GLN B 125 18.26 -2.71 -9.83
C GLN B 125 19.30 -2.17 -10.80
N THR B 126 20.41 -1.65 -10.29
CA THR B 126 21.51 -1.25 -11.16
C THR B 126 22.12 -2.46 -11.87
N TYR B 127 22.32 -3.55 -11.12
CA TYR B 127 22.83 -4.78 -11.73
C TYR B 127 21.88 -5.29 -12.81
N LEU B 128 20.57 -5.26 -12.55
CA LEU B 128 19.62 -5.79 -13.50
C LEU B 128 19.55 -4.95 -14.77
N GLU B 129 19.78 -3.64 -14.67
CA GLU B 129 19.75 -2.81 -15.88
C GLU B 129 21.08 -2.82 -16.61
N CYS B 130 22.19 -3.04 -15.90
CA CYS B 130 23.49 -3.14 -16.56
C CYS B 130 23.56 -4.42 -17.39
N VAL B 131 23.23 -5.56 -16.79
CA VAL B 131 23.17 -6.82 -17.53
C VAL B 131 21.93 -6.91 -18.41
N GLN B 132 21.01 -5.95 -18.28
CA GLN B 132 19.80 -5.89 -19.10
C GLN B 132 18.99 -7.18 -19.00
N ALA B 133 18.81 -7.65 -17.77
CA ALA B 133 18.04 -8.85 -17.51
C ALA B 133 16.56 -8.59 -17.76
N GLN B 134 15.86 -9.62 -18.23
CA GLN B 134 14.42 -9.53 -18.48
C GLN B 134 13.60 -9.88 -17.25
N ALA B 135 14.16 -10.65 -16.31
CA ALA B 135 13.51 -11.00 -15.07
C ALA B 135 14.43 -10.65 -13.89
N VAL B 136 13.87 -10.73 -12.69
CA VAL B 136 14.62 -10.38 -11.48
C VAL B 136 15.57 -11.52 -11.16
N ILE B 137 16.87 -11.24 -11.24
CA ILE B 137 17.92 -12.21 -10.93
C ILE B 137 18.51 -11.85 -9.58
N VAL B 138 18.68 -12.84 -8.72
CA VAL B 138 19.18 -12.63 -7.36
C VAL B 138 20.45 -13.46 -7.17
N PRO B 139 21.62 -12.84 -7.30
CA PRO B 139 22.87 -13.57 -7.05
C PRO B 139 23.02 -13.90 -5.57
N ILE B 140 23.38 -15.16 -5.29
CA ILE B 140 23.56 -15.65 -3.92
C ILE B 140 24.77 -16.55 -3.90
N VAL B 141 25.67 -16.32 -2.94
CA VAL B 141 26.92 -17.05 -2.84
C VAL B 141 27.08 -17.53 -1.40
N PRO B 142 27.21 -18.82 -1.16
CA PRO B 142 27.49 -19.31 0.20
C PRO B 142 28.95 -19.59 0.46
N PHE B 143 29.34 -19.51 1.73
CA PHE B 143 30.71 -19.78 2.16
C PHE B 143 30.69 -20.57 3.46
N ASN B 144 31.66 -21.47 3.60
CA ASN B 144 31.87 -22.12 4.89
C ASN B 144 32.35 -21.08 5.90
N GLN B 145 31.79 -21.12 7.11
CA GLN B 145 32.12 -20.08 8.09
C GLN B 145 33.52 -20.27 8.64
N GLN B 146 33.96 -21.51 8.82
CA GLN B 146 35.31 -21.74 9.35
C GLN B 146 36.39 -21.50 8.32
N ASN B 147 36.07 -21.68 7.04
CA ASN B 147 37.04 -21.57 5.95
C ASN B 147 36.94 -20.26 5.18
N LYS B 148 35.74 -19.73 5.03
CA LYS B 148 35.43 -18.64 4.11
C LYS B 148 35.67 -19.05 2.66
N LYS B 149 35.68 -20.36 2.42
CA LYS B 149 35.75 -20.91 1.07
C LYS B 149 34.36 -21.11 0.50
N MET B 150 34.21 -20.84 -0.80
CA MET B 150 32.92 -20.87 -1.43
C MET B 150 32.40 -22.30 -1.55
N ILE B 151 31.07 -22.44 -1.50
CA ILE B 151 30.40 -23.72 -1.66
C ILE B 151 29.73 -23.74 -3.03
N ILE B 152 29.73 -24.91 -3.67
CA ILE B 152 29.11 -25.11 -4.98
C ILE B 152 29.72 -24.17 -6.01
N ASP B 155 25.82 -22.25 -9.54
CA ASP B 155 25.02 -21.06 -9.32
C ASP B 155 25.82 -19.93 -8.66
N SER B 156 26.71 -20.28 -7.73
CA SER B 156 27.45 -19.25 -7.01
C SER B 156 28.65 -18.74 -7.79
N LEU B 157 29.14 -19.50 -8.77
CA LEU B 157 30.25 -18.98 -9.58
C LEU B 157 29.84 -17.77 -10.39
N PRO B 158 28.77 -17.80 -11.20
CA PRO B 158 28.34 -16.56 -11.85
C PRO B 158 27.75 -15.55 -10.89
N SER B 159 27.17 -16.00 -9.76
CA SER B 159 26.65 -15.06 -8.77
C SER B 159 27.76 -14.21 -8.18
N LEU B 160 28.86 -14.84 -7.76
CA LEU B 160 29.99 -14.10 -7.22
C LEU B 160 30.59 -13.16 -8.27
N GLU B 161 30.66 -13.64 -9.52
CA GLU B 161 31.16 -12.78 -10.60
C GLU B 161 30.28 -11.56 -10.80
N ALA B 162 28.96 -11.76 -10.78
CA ALA B 162 28.02 -10.66 -10.97
C ALA B 162 28.11 -9.66 -9.82
N ILE B 163 28.30 -10.16 -8.60
CA ILE B 163 28.45 -9.28 -7.44
C ILE B 163 29.75 -8.48 -7.56
N LEU B 164 30.85 -9.14 -7.94
CA LEU B 164 32.11 -8.44 -8.05
C LEU B 164 32.12 -7.44 -9.20
N ASN B 165 31.39 -7.71 -10.28
CA ASN B 165 31.43 -6.88 -11.46
C ASN B 165 30.45 -5.72 -11.41
N TYR B 166 29.35 -5.83 -10.69
CA TYR B 166 28.29 -4.84 -10.76
C TYR B 166 27.88 -4.23 -9.44
N SER B 167 28.32 -4.76 -8.30
CA SER B 167 27.98 -4.17 -7.01
C SER B 167 29.07 -3.18 -6.60
N ILE B 168 29.03 -2.75 -5.34
CA ILE B 168 30.06 -1.86 -4.82
C ILE B 168 31.31 -2.60 -4.39
N PHE B 169 31.25 -3.93 -4.29
CA PHE B 169 32.36 -4.75 -3.86
C PHE B 169 32.93 -5.46 -5.07
N ASN B 170 34.15 -5.08 -5.46
CA ASN B 170 34.78 -5.67 -6.63
C ASN B 170 35.70 -6.83 -6.26
N ARG B 171 36.20 -6.87 -5.04
CA ARG B 171 37.08 -7.94 -4.58
C ARG B 171 36.36 -8.85 -3.59
N GLU B 172 36.61 -10.15 -3.73
CA GLU B 172 36.01 -11.14 -2.85
C GLU B 172 36.43 -10.93 -1.40
N ASN B 173 37.65 -10.41 -1.19
CA ASN B 173 38.10 -10.15 0.18
C ASN B 173 37.28 -9.04 0.82
N ASP B 174 36.94 -8.00 0.04
CA ASP B 174 36.06 -6.96 0.56
C ASP B 174 34.66 -7.51 0.80
N LEU B 175 34.17 -8.37 -0.10
CA LEU B 175 32.86 -8.96 0.08
C LEU B 175 32.81 -9.82 1.34
N LEU B 176 33.87 -10.57 1.62
CA LEU B 176 33.91 -11.46 2.77
C LEU B 176 34.11 -10.69 4.08
N ALA B 177 34.92 -9.64 4.06
CA ALA B 177 35.18 -8.88 5.27
C ALA B 177 33.93 -8.19 5.80
N GLN B 178 32.94 -7.95 4.95
CA GLN B 178 31.67 -7.40 5.41
C GLN B 178 30.96 -8.34 6.38
N PHE B 179 31.29 -9.64 6.35
CA PHE B 179 30.72 -10.55 7.33
C PHE B 179 31.27 -10.28 8.73
N ASP B 180 32.48 -9.74 8.81
CA ASP B 180 33.05 -9.44 10.12
C ASP B 180 32.36 -8.27 10.81
N ALA B 181 31.61 -7.47 10.06
CA ALA B 181 30.86 -6.36 10.64
C ALA B 181 29.61 -6.79 11.39
N ILE B 182 29.33 -8.08 11.44
CA ILE B 182 28.21 -8.61 12.21
C ILE B 182 28.74 -9.04 13.58
N PRO B 183 28.20 -8.52 14.67
CA PRO B 183 28.75 -8.85 16.00
C PRO B 183 28.38 -10.26 16.40
N GLY B 184 29.38 -11.07 16.69
CA GLY B 184 29.18 -12.44 17.11
C GLY B 184 29.40 -13.46 16.02
N LYS B 185 28.88 -14.66 16.25
CA LYS B 185 28.95 -15.75 15.28
C LYS B 185 27.70 -15.87 14.42
N LYS B 186 26.57 -15.31 14.85
CA LYS B 186 25.35 -15.32 14.07
C LYS B 186 24.83 -13.91 13.89
N GLY B 187 24.22 -13.65 12.75
CA GLY B 187 23.61 -12.35 12.51
C GLY B 187 23.41 -12.11 11.03
N THR B 188 22.84 -10.93 10.75
CA THR B 188 22.50 -10.51 9.39
C THR B 188 22.87 -9.05 9.23
N ARG B 189 23.20 -8.67 7.99
CA ARG B 189 23.66 -7.31 7.70
C ARG B 189 23.12 -6.88 6.34
N VAL B 190 22.24 -5.89 6.34
CA VAL B 190 21.67 -5.34 5.12
C VAL B 190 22.40 -4.05 4.78
N LEU B 191 22.80 -3.91 3.52
CA LEU B 191 23.58 -2.76 3.06
C LEU B 191 22.92 -2.24 1.78
N ILE B 192 22.35 -1.04 1.86
CA ILE B 192 21.59 -0.45 0.76
C ILE B 192 22.32 0.80 0.28
N TRP B 193 22.63 0.85 -1.01
CA TRP B 193 23.27 2.02 -1.61
C TRP B 193 22.48 2.46 -2.83
N ASN B 194 22.90 3.58 -3.42
CA ASN B 194 22.13 4.30 -4.44
C ASN B 194 20.75 4.68 -3.90
N ILE B 195 20.78 5.51 -2.85
CA ILE B 195 19.58 5.88 -2.10
C ILE B 195 18.72 6.86 -2.89
N ARG B 196 17.49 7.08 -2.43
CA ARG B 196 16.56 7.96 -3.12
C ARG B 196 17.10 9.39 -3.17
N ARG B 197 17.05 9.99 -4.35
CA ARG B 197 17.47 11.37 -4.53
C ARG B 197 16.33 12.33 -4.21
N SER B 203 19.07 14.54 -1.54
CA SER B 203 18.80 13.19 -1.05
C SER B 203 17.64 13.19 -0.06
N GLU B 204 16.83 12.14 -0.10
CA GLU B 204 15.66 12.07 0.76
C GLU B 204 16.04 12.00 2.24
N LEU B 205 17.05 11.20 2.57
CA LEU B 205 17.51 11.08 3.94
C LEU B 205 18.67 12.02 4.22
N ASP B 206 18.67 12.62 5.41
CA ASP B 206 19.66 13.60 5.81
C ASP B 206 20.70 12.97 6.72
N PHE B 207 21.98 13.10 6.36
CA PHE B 207 23.07 12.56 7.15
C PHE B 207 23.96 13.63 7.74
N ASP B 208 23.78 14.89 7.35
CA ASP B 208 24.73 15.95 7.70
C ASP B 208 24.22 16.90 8.79
N THR B 209 22.91 17.04 8.96
CA THR B 209 22.41 17.94 10.00
C THR B 209 22.81 17.46 11.38
N ASP B 210 22.53 16.19 11.68
CA ASP B 210 22.87 15.58 12.97
C ASP B 210 23.72 14.34 12.72
N GLN B 211 24.82 14.22 13.48
CA GLN B 211 25.73 13.11 13.29
C GLN B 211 25.26 11.82 13.94
N TYR B 212 24.29 11.89 14.84
CA TYR B 212 23.73 10.71 15.50
C TYR B 212 22.25 10.53 15.16
N ASP B 213 21.81 11.02 14.01
CA ASP B 213 20.42 10.93 13.62
C ASP B 213 20.33 10.94 12.10
N ILE B 214 19.27 10.31 11.59
CA ILE B 214 18.95 10.31 10.16
C ILE B 214 17.63 11.05 9.98
N LEU B 215 17.69 12.18 9.30
CA LEU B 215 16.53 13.05 9.14
C LEU B 215 15.94 12.92 7.74
N VAL B 216 14.81 13.61 7.54
CA VAL B 216 14.18 13.72 6.24
C VAL B 216 14.28 15.18 5.80
N SER B 217 14.68 15.40 4.54
CA SER B 217 14.89 16.74 4.01
C SER B 217 13.55 17.41 3.71
N ASP B 218 12.84 17.69 4.79
CA ASP B 218 11.56 18.38 4.77
C ASP B 218 11.66 19.82 5.25
N GLU B 232 1.58 20.15 16.51
CA GLU B 232 2.19 20.34 15.19
C GLU B 232 2.74 19.02 14.65
N LEU B 233 3.77 19.11 13.81
CA LEU B 233 4.30 17.93 13.14
C LEU B 233 5.18 17.14 14.11
N PRO B 234 4.84 15.90 14.44
CA PRO B 234 5.65 15.12 15.38
C PRO B 234 7.08 14.94 14.91
N GLU B 235 8.01 14.91 15.86
CA GLU B 235 9.40 14.64 15.53
C GLU B 235 9.59 13.22 14.99
N THR B 236 8.62 12.33 15.24
CA THR B 236 8.70 10.97 14.69
C THR B 236 8.61 10.97 13.17
N GLU B 237 8.06 12.02 12.57
CA GLU B 237 7.90 12.06 11.12
C GLU B 237 9.19 12.42 10.39
N TYR B 238 10.13 13.07 11.06
CA TYR B 238 11.39 13.46 10.43
C TYR B 238 12.64 13.03 11.19
N SER B 239 12.53 12.56 12.43
CA SER B 239 13.68 12.10 13.20
C SER B 239 13.58 10.59 13.39
N LEU B 240 14.53 9.86 12.81
CA LEU B 240 14.51 8.41 12.93
C LEU B 240 14.76 7.97 14.37
N ARG B 241 15.48 8.78 15.15
CA ARG B 241 15.71 8.44 16.55
C ARG B 241 14.40 8.46 17.34
N ALA B 242 13.62 9.55 17.20
CA ALA B 242 12.33 9.61 17.86
C ALA B 242 11.36 8.57 17.31
N PHE B 243 11.49 8.26 16.02
CA PHE B 243 10.66 7.22 15.41
C PHE B 243 10.96 5.86 16.03
N CYS B 244 12.24 5.51 16.12
CA CYS B 244 12.65 4.27 16.76
C CYS B 244 12.32 4.26 18.25
N GLY B 245 12.18 5.43 18.87
CA GLY B 245 11.81 5.48 20.28
C GLY B 245 10.43 4.94 20.57
N ILE B 246 9.51 5.02 19.60
CA ILE B 246 8.14 4.61 19.81
C ILE B 246 7.67 3.59 18.78
N LEU B 247 8.59 3.05 17.97
CA LEU B 247 8.19 2.08 16.95
C LEU B 247 7.53 0.85 17.56
N TYR B 248 7.91 0.47 18.78
CA TYR B 248 7.39 -0.72 19.43
C TYR B 248 6.76 -0.35 20.76
N MET B 249 5.62 -0.98 21.05
CA MET B 249 4.88 -0.65 22.28
C MET B 249 5.66 -1.09 23.52
N LYS B 250 6.23 -2.29 23.49
CA LYS B 250 7.10 -2.79 24.55
C LYS B 250 8.44 -3.19 23.92
N PRO B 251 9.41 -2.28 23.86
CA PRO B 251 10.67 -2.58 23.17
C PRO B 251 11.44 -3.68 23.88
N ARG B 252 11.92 -4.65 23.10
CA ARG B 252 12.79 -5.71 23.61
C ARG B 252 14.16 -5.74 22.94
N MET B 253 14.30 -5.20 21.73
CA MET B 253 15.56 -5.20 21.01
C MET B 253 16.26 -3.86 21.19
N LYS B 254 17.60 -3.91 21.22
CA LYS B 254 18.41 -2.71 21.32
C LYS B 254 18.56 -2.08 19.95
N ILE B 255 18.51 -0.75 19.89
CA ILE B 255 18.68 0.00 18.66
C ILE B 255 19.81 1.01 18.84
N PHE B 256 20.79 0.96 17.93
CA PHE B 256 21.88 1.91 17.89
C PHE B 256 21.79 2.67 16.55
N LEU B 257 21.42 3.94 16.61
CA LEU B 257 21.35 4.78 15.42
C LEU B 257 22.62 5.62 15.31
N ARG B 258 23.47 5.28 14.34
CA ARG B 258 24.70 6.01 14.05
C ARG B 258 25.63 6.04 15.28
N GLN B 259 25.95 4.84 15.77
CA GLN B 259 26.86 4.56 16.87
C GLN B 259 26.39 5.12 18.21
N LYS B 260 25.20 5.69 18.29
CA LYS B 260 24.65 6.22 19.53
C LYS B 260 23.34 5.49 19.82
N LYS B 261 23.22 4.96 21.03
CA LYS B 261 22.08 4.13 21.39
C LYS B 261 20.78 4.92 21.41
N VAL B 262 19.73 4.33 20.84
CA VAL B 262 18.41 4.95 20.81
C VAL B 262 17.69 4.62 22.12
N THR B 263 17.37 5.65 22.89
CA THR B 263 16.61 5.47 24.11
C THR B 263 15.15 5.19 23.79
N THR B 264 14.80 3.90 23.68
CA THR B 264 13.42 3.52 23.42
C THR B 264 12.58 3.64 24.70
N GLN B 265 11.26 3.60 24.54
CA GLN B 265 10.34 3.76 25.66
C GLN B 265 9.06 2.97 25.41
N MET B 266 8.42 2.55 26.50
CA MET B 266 7.08 2.01 26.45
C MET B 266 6.09 3.17 26.51
N ILE B 267 5.29 3.33 25.46
CA ILE B 267 4.53 4.55 25.26
C ILE B 267 3.33 4.62 26.21
N ALA B 268 2.73 3.48 26.54
CA ALA B 268 1.58 3.49 27.45
C ALA B 268 2.00 3.89 28.86
N LYS B 269 3.18 3.48 29.30
CA LYS B 269 3.64 3.75 30.65
C LYS B 269 4.35 5.09 30.81
N SER B 270 4.66 5.77 29.71
CA SER B 270 5.37 7.05 29.74
C SER B 270 4.42 8.24 29.67
N LEU B 271 3.19 8.08 30.14
CA LEU B 271 2.19 9.13 30.09
C LEU B 271 1.87 9.63 31.49
N ALA B 272 1.35 10.86 31.55
CA ALA B 272 0.95 11.50 32.79
C ALA B 272 -0.57 11.57 32.88
N ASN B 273 -1.07 11.57 34.12
CA ASN B 273 -2.51 11.57 34.39
C ASN B 273 -3.19 10.38 33.70
N VAL B 274 -2.64 9.19 33.91
CA VAL B 274 -3.06 8.01 33.17
C VAL B 274 -4.39 7.51 33.72
N GLU B 275 -5.37 7.34 32.83
CA GLU B 275 -6.59 6.62 33.12
C GLU B 275 -6.79 5.57 32.04
N TYR B 276 -7.69 4.63 32.28
CA TYR B 276 -7.86 3.50 31.40
C TYR B 276 -9.29 3.41 30.87
N ASP B 277 -9.43 2.71 29.76
CA ASP B 277 -10.72 2.43 29.16
C ASP B 277 -10.61 1.08 28.45
N THR B 278 -11.73 0.61 27.91
CA THR B 278 -11.73 -0.69 27.25
C THR B 278 -12.58 -0.63 25.99
N TYR B 279 -12.35 -1.62 25.13
CA TYR B 279 -13.11 -1.78 23.89
C TYR B 279 -13.27 -3.28 23.66
N LYS B 280 -14.51 -3.71 23.43
CA LYS B 280 -14.77 -5.09 23.09
C LYS B 280 -15.13 -5.21 21.62
N PRO B 281 -14.33 -5.92 20.83
CA PRO B 281 -14.66 -6.10 19.41
C PRO B 281 -15.99 -6.81 19.26
N THR B 282 -16.67 -6.53 18.16
CA THR B 282 -18.01 -7.05 17.95
C THR B 282 -18.02 -8.55 17.66
N PHE B 283 -16.88 -9.12 17.29
CA PHE B 283 -16.79 -10.52 16.91
C PHE B 283 -16.19 -11.41 17.99
N THR B 284 -15.89 -10.87 19.17
CA THR B 284 -15.34 -11.64 20.26
C THR B 284 -15.73 -10.97 21.58
N ASN B 285 -15.38 -11.63 22.68
CA ASN B 285 -15.72 -11.15 24.01
C ASN B 285 -14.48 -10.88 24.86
N LYS B 286 -13.39 -10.48 24.23
CA LYS B 286 -12.14 -10.18 24.93
C LYS B 286 -11.96 -8.66 25.02
N GLN B 287 -11.81 -8.15 26.24
CA GLN B 287 -11.58 -6.73 26.44
C GLN B 287 -10.16 -6.35 26.06
N VAL B 288 -10.02 -5.27 25.29
CA VAL B 288 -8.71 -4.74 24.91
C VAL B 288 -8.52 -3.40 25.61
N ARG B 289 -7.43 -3.28 26.36
CA ARG B 289 -7.18 -2.11 27.18
C ARG B 289 -6.78 -0.90 26.33
N ILE B 290 -7.28 0.27 26.71
CA ILE B 290 -6.88 1.54 26.12
C ILE B 290 -6.34 2.42 27.24
N THR B 291 -5.16 2.98 27.02
CA THR B 291 -4.47 3.80 28.01
C THR B 291 -4.42 5.25 27.52
N PHE B 292 -5.06 6.14 28.28
CA PHE B 292 -5.04 7.57 27.99
C PHE B 292 -4.15 8.29 28.98
N GLY B 293 -3.36 9.24 28.46
CA GLY B 293 -2.50 10.03 29.29
C GLY B 293 -2.07 11.29 28.55
N PHE B 294 -1.16 12.02 29.18
CA PHE B 294 -0.61 13.24 28.61
C PHE B 294 0.88 13.04 28.30
N SER B 295 1.32 13.64 27.19
CA SER B 295 2.72 13.57 26.83
C SER B 295 3.56 14.40 27.80
N CYS B 296 4.77 13.92 28.06
CA CYS B 296 5.66 14.58 29.00
C CYS B 296 6.77 15.35 28.28
N PHE B 302 0.92 14.65 19.73
CA PHE B 302 -0.21 13.97 20.37
C PHE B 302 -1.14 13.33 19.35
N GLY B 303 -1.95 12.38 19.82
CA GLY B 303 -2.89 11.68 18.96
C GLY B 303 -3.21 10.32 19.55
N ILE B 304 -3.38 9.34 18.66
CA ILE B 304 -3.71 7.97 19.03
C ILE B 304 -2.65 7.05 18.47
N MET B 305 -2.11 6.19 19.32
CA MET B 305 -1.09 5.21 18.94
C MET B 305 -1.77 3.85 18.77
N MET B 306 -1.95 3.42 17.52
CA MET B 306 -2.60 2.15 17.22
C MET B 306 -1.53 1.12 16.86
N TYR B 307 -1.39 0.12 17.72
CA TYR B 307 -0.38 -0.92 17.54
C TYR B 307 -1.04 -2.22 17.05
N HIS B 308 -0.18 -3.18 16.70
CA HIS B 308 -0.64 -4.48 16.23
C HIS B 308 0.55 -5.43 16.30
N ASN B 309 0.47 -6.42 17.18
CA ASN B 309 1.57 -7.35 17.45
C ASN B 309 2.83 -6.57 17.83
N ASN B 310 2.63 -5.62 18.75
CA ASN B 310 3.67 -4.80 19.36
C ASN B 310 4.28 -3.79 18.38
N ARG B 311 3.87 -3.84 17.12
CA ARG B 311 4.43 -2.97 16.09
C ARG B 311 3.48 -1.81 15.83
N LEU B 312 4.06 -0.62 15.68
CA LEU B 312 3.29 0.60 15.48
C LEU B 312 2.74 0.66 14.06
N ILE B 313 1.43 0.77 13.93
CA ILE B 313 0.77 0.84 12.63
C ILE B 313 0.30 2.26 12.32
N LYS B 314 -0.38 2.91 13.25
CA LYS B 314 -0.86 4.28 13.09
C LYS B 314 -0.33 5.12 14.25
N SER B 315 0.33 6.23 13.93
CA SER B 315 1.02 7.05 14.92
C SER B 315 0.38 8.42 15.00
N PHE B 316 0.03 8.84 16.22
CA PHE B 316 -0.48 10.18 16.50
C PHE B 316 -1.67 10.53 15.60
N GLU B 317 -2.66 9.64 15.55
CA GLU B 317 -3.86 9.84 14.77
C GLU B 317 -4.88 10.66 15.56
N LYS B 318 -5.40 11.72 14.95
CA LYS B 318 -6.36 12.59 15.62
C LYS B 318 -7.75 11.96 15.61
N VAL B 319 -8.39 11.94 16.78
CA VAL B 319 -9.76 11.45 16.92
C VAL B 319 -10.55 12.44 17.75
N GLY B 320 -11.85 12.47 17.52
CA GLY B 320 -12.73 13.31 18.33
C GLY B 320 -12.36 14.78 18.25
N CYS B 321 -12.31 15.41 19.42
CA CYS B 321 -12.07 16.85 19.56
C CYS B 321 -10.61 17.20 19.35
N GLN B 322 -9.92 16.44 18.50
CA GLN B 322 -8.54 16.72 18.15
C GLN B 322 -8.35 17.17 16.70
N VAL B 323 -9.38 17.03 15.86
CA VAL B 323 -9.30 17.39 14.45
C VAL B 323 -9.37 18.89 14.28
N GLY B 330 -8.54 19.34 22.86
CA GLY B 330 -8.12 17.98 23.18
C GLY B 330 -6.64 17.81 22.85
N VAL B 331 -5.88 18.88 23.00
CA VAL B 331 -4.48 18.89 22.63
C VAL B 331 -3.65 18.23 23.72
N GLY B 332 -2.65 17.45 23.31
CA GLY B 332 -1.71 16.85 24.22
C GLY B 332 -2.10 15.48 24.73
N VAL B 333 -3.33 15.03 24.50
CA VAL B 333 -3.79 13.75 24.99
C VAL B 333 -3.34 12.66 24.03
N ILE B 334 -2.80 11.57 24.57
CA ILE B 334 -2.33 10.44 23.78
C ILE B 334 -3.08 9.19 24.23
N GLY B 335 -3.61 8.44 23.28
CA GLY B 335 -4.26 7.19 23.57
C GLY B 335 -3.59 6.00 22.92
N VAL B 336 -3.20 5.01 23.71
CA VAL B 336 -2.47 3.84 23.22
C VAL B 336 -3.41 2.64 23.23
N ILE B 337 -3.43 1.90 22.13
CA ILE B 337 -4.26 0.72 21.99
C ILE B 337 -3.58 -0.24 21.02
N GLU B 338 -3.60 -1.53 21.36
CA GLU B 338 -3.06 -2.57 20.51
C GLU B 338 -4.22 -3.29 19.85
N CYS B 339 -4.29 -3.20 18.52
CA CYS B 339 -5.42 -3.71 17.76
C CYS B 339 -4.99 -4.98 17.03
N ASN B 340 -4.97 -6.09 17.76
CA ASN B 340 -4.76 -7.39 17.13
C ASN B 340 -6.02 -7.91 16.46
N PHE B 341 -7.19 -7.38 16.81
CA PHE B 341 -8.44 -7.77 16.18
C PHE B 341 -8.62 -7.13 14.80
N LEU B 342 -7.76 -6.21 14.41
CA LEU B 342 -7.75 -5.63 13.08
C LEU B 342 -6.64 -6.27 12.25
N LYS B 343 -6.56 -5.89 10.98
CA LYS B 343 -5.57 -6.44 10.06
C LYS B 343 -4.83 -5.29 9.37
N PRO B 344 -3.51 -5.22 9.46
CA PRO B 344 -2.78 -4.12 8.85
C PRO B 344 -2.81 -4.22 7.33
N ALA B 345 -2.48 -3.09 6.70
CA ALA B 345 -2.43 -3.03 5.24
C ALA B 345 -1.10 -3.58 4.74
N TYR B 346 -0.93 -3.53 3.41
CA TYR B 346 0.27 -4.08 2.77
C TYR B 346 1.52 -3.37 3.22
N ASN B 347 1.42 -2.09 3.56
CA ASN B 347 2.54 -1.28 4.00
C ASN B 347 2.61 -1.17 5.52
N LYS B 348 1.63 -1.74 6.23
CA LYS B 348 1.56 -1.65 7.70
C LYS B 348 1.57 -0.20 8.17
N GLN B 349 0.98 0.67 7.34
CA GLN B 349 0.76 2.07 7.70
C GLN B 349 -0.70 2.35 8.03
N ASP B 350 -1.58 1.38 7.82
CA ASP B 350 -3.00 1.53 8.08
C ASP B 350 -3.59 0.13 8.20
N PHE B 351 -4.92 0.06 8.31
CA PHE B 351 -5.63 -1.20 8.44
C PHE B 351 -6.62 -1.36 7.29
N GLU B 352 -7.13 -2.58 7.15
CA GLU B 352 -8.20 -2.83 6.20
C GLU B 352 -9.45 -2.09 6.66
N TYR B 353 -10.08 -1.38 5.73
CA TYR B 353 -11.25 -0.55 6.05
C TYR B 353 -12.47 -1.44 6.16
N THR B 354 -12.73 -1.89 7.39
CA THR B 354 -13.87 -2.74 7.69
C THR B 354 -14.75 -2.08 8.75
N LYS B 355 -15.92 -2.68 8.98
CA LYS B 355 -16.81 -2.18 10.02
C LYS B 355 -16.16 -2.23 11.39
N GLU B 356 -15.31 -3.23 11.64
N GLU B 356 -15.31 -3.23 11.64
CA GLU B 356 -14.62 -3.32 12.92
CA GLU B 356 -14.62 -3.30 12.92
C GLU B 356 -13.66 -2.15 13.11
C GLU B 356 -13.66 -2.14 13.11
N TYR B 357 -12.93 -1.78 12.06
CA TYR B 357 -12.00 -0.66 12.14
C TYR B 357 -12.73 0.64 12.43
N ARG B 358 -13.80 0.92 11.69
CA ARG B 358 -14.57 2.13 11.91
C ARG B 358 -15.16 2.17 13.31
N LEU B 359 -15.67 1.04 13.79
CA LEU B 359 -16.22 0.98 15.15
C LEU B 359 -15.13 1.25 16.19
N THR B 360 -13.93 0.68 15.98
CA THR B 360 -12.84 0.92 16.92
C THR B 360 -12.42 2.39 16.93
N ILE B 361 -12.35 3.01 15.75
CA ILE B 361 -11.97 4.43 15.69
C ILE B 361 -13.03 5.30 16.34
N ASN B 362 -14.31 4.99 16.09
CA ASN B 362 -15.41 5.71 16.73
C ASN B 362 -15.34 5.58 18.25
N ALA B 363 -15.09 4.37 18.74
CA ALA B 363 -14.97 4.15 20.17
C ALA B 363 -13.80 4.94 20.76
N LEU B 364 -12.64 4.92 20.10
CA LEU B 364 -11.50 5.66 20.58
C LEU B 364 -11.79 7.16 20.65
N ALA B 365 -12.47 7.69 19.61
CA ALA B 365 -12.85 9.09 19.62
C ALA B 365 -13.76 9.41 20.82
N GLN B 366 -14.76 8.55 21.05
CA GLN B 366 -15.66 8.75 22.18
C GLN B 366 -14.89 8.73 23.50
N LYS B 367 -14.00 7.75 23.68
CA LYS B 367 -13.29 7.61 24.93
C LYS B 367 -12.36 8.80 25.18
N LEU B 368 -11.71 9.29 24.12
CA LEU B 368 -10.82 10.43 24.27
C LEU B 368 -11.60 11.71 24.57
N ASN B 369 -12.75 11.90 23.92
CA ASN B 369 -13.60 13.05 24.24
C ASN B 369 -14.04 13.01 25.69
N ALA B 370 -14.48 11.84 26.16
CA ALA B 370 -14.88 11.70 27.56
C ALA B 370 -13.71 12.00 28.50
N TYR B 371 -12.53 11.47 28.17
CA TYR B 371 -11.35 11.71 28.99
C TYR B 371 -11.02 13.20 29.09
N TRP B 372 -10.94 13.87 27.95
CA TRP B 372 -10.57 15.28 27.95
C TRP B 372 -11.63 16.16 28.61
N LYS B 373 -12.91 15.84 28.43
CA LYS B 373 -13.95 16.64 29.09
C LYS B 373 -13.88 16.48 30.59
N GLU B 374 -13.57 15.28 31.08
CA GLU B 374 -13.44 15.05 32.51
C GLU B 374 -12.24 15.79 33.10
N LYS B 375 -11.29 16.20 32.25
CA LYS B 375 -10.12 16.94 32.68
C LYS B 375 -10.25 18.44 32.49
N THR B 376 -11.43 18.92 32.10
CA THR B 376 -11.65 20.35 31.89
C THR B 376 -12.97 20.80 32.49
N LYS B 392 4.99 16.94 31.64
CA LYS B 392 4.96 16.62 33.09
C LYS B 392 5.86 15.40 33.35
N VAL B 393 5.55 14.64 34.40
CA VAL B 393 6.32 13.46 34.76
C VAL B 393 5.33 12.30 34.74
N PRO B 394 5.72 11.13 34.24
CA PRO B 394 4.75 10.03 34.09
C PRO B 394 4.32 9.46 35.43
N ASP B 395 3.13 8.87 35.43
CA ASP B 395 2.64 8.20 36.63
C ASP B 395 3.54 7.04 37.01
N GLN B 396 4.12 6.37 36.03
CA GLN B 396 5.05 5.27 36.25
C GLN B 396 6.28 5.46 35.38
N THR B 397 7.43 5.04 35.89
CA THR B 397 8.70 5.15 35.19
C THR B 397 9.26 3.75 34.96
N TRP B 398 9.54 3.41 33.71
CA TRP B 398 10.06 2.11 33.33
C TRP B 398 11.32 2.29 32.51
N VAL B 399 12.37 1.55 32.85
CA VAL B 399 13.66 1.63 32.17
C VAL B 399 14.08 0.22 31.77
N GLN B 400 14.76 0.12 30.62
CA GLN B 400 15.24 -1.16 30.11
C GLN B 400 16.73 -1.33 30.42
N CYS B 401 17.07 -2.46 31.03
CA CYS B 401 18.46 -2.78 31.38
C CYS B 401 19.27 -3.11 30.13
N ASP B 402 20.54 -2.68 30.13
CA ASP B 402 21.36 -2.79 28.92
C ASP B 402 21.82 -4.23 28.67
N GLU B 403 22.34 -4.89 29.71
CA GLU B 403 22.80 -6.27 29.57
C GLU B 403 21.64 -7.25 29.65
N CYS B 404 20.51 -6.81 30.20
CA CYS B 404 19.42 -7.67 30.62
C CYS B 404 18.19 -7.49 29.75
N LEU B 405 17.96 -6.27 29.24
CA LEU B 405 16.85 -5.91 28.35
C LEU B 405 15.48 -6.11 28.98
N LYS B 406 15.41 -6.24 30.29
CA LYS B 406 14.13 -6.35 30.97
C LYS B 406 13.70 -4.93 31.29
N TRP B 407 12.39 -4.76 31.45
CA TRP B 407 11.82 -3.46 31.81
C TRP B 407 11.50 -3.46 33.31
N ARG B 408 12.08 -2.53 34.03
CA ARG B 408 11.90 -2.40 35.46
C ARG B 408 11.07 -1.16 35.79
N LYS B 409 10.14 -1.30 36.72
CA LYS B 409 9.32 -0.20 37.20
C LYS B 409 10.00 0.43 38.40
N LEU B 410 10.25 1.73 38.32
CA LEU B 410 10.94 2.33 39.46
C LEU B 410 9.92 2.91 40.45
N PRO B 411 10.21 2.79 41.75
CA PRO B 411 9.23 3.26 42.75
C PRO B 411 8.85 4.72 42.59
N GLY B 412 9.83 5.59 42.38
CA GLY B 412 9.59 6.99 42.10
C GLY B 412 8.70 7.71 43.11
N ILE B 414 9.72 9.53 39.72
CA ILE B 414 11.01 10.02 39.26
C ILE B 414 10.90 10.53 37.82
N ASP B 415 11.55 11.66 37.55
CA ASP B 415 11.56 12.25 36.22
C ASP B 415 12.37 11.35 35.29
N PRO B 416 11.81 10.91 34.14
CA PRO B 416 12.56 10.03 33.24
C PRO B 416 13.62 10.77 32.44
N SER B 417 13.87 12.03 32.79
CA SER B 417 14.96 12.80 32.19
C SER B 417 16.22 12.81 33.05
N MET B 418 16.13 12.35 34.30
CA MET B 418 17.26 12.28 35.21
C MET B 418 17.93 10.92 35.22
N LEU B 419 17.43 9.98 34.41
CA LEU B 419 17.98 8.63 34.37
C LEU B 419 19.18 8.58 33.43
N PRO B 420 20.20 7.79 33.76
CA PRO B 420 21.33 7.62 32.85
C PRO B 420 20.90 6.95 31.55
N ALA B 421 21.63 7.27 30.48
CA ALA B 421 21.32 6.67 29.19
C ALA B 421 21.66 5.18 29.14
N ARG B 422 22.52 4.70 30.04
CA ARG B 422 22.86 3.28 30.16
C ARG B 422 22.50 2.83 31.56
N TRP B 423 21.28 2.33 31.72
CA TRP B 423 20.76 1.93 33.02
C TRP B 423 20.81 0.42 33.19
N PHE B 424 21.09 -0.02 34.41
CA PHE B 424 21.25 -1.43 34.73
C PHE B 424 20.35 -1.79 35.92
N CYS B 425 20.01 -3.07 36.00
CA CYS B 425 19.09 -3.53 37.04
C CYS B 425 19.59 -3.23 38.44
N TYR B 426 20.88 -3.40 38.69
CA TYR B 426 21.39 -3.18 40.04
C TYR B 426 21.52 -1.71 40.40
N TYR B 427 21.18 -0.80 39.49
CA TYR B 427 21.00 0.61 39.84
C TYR B 427 19.59 0.90 40.35
N ASN B 428 18.75 -0.13 40.48
CA ASN B 428 17.38 0.07 40.93
C ASN B 428 17.34 0.38 42.42
N SER B 429 16.42 1.28 42.80
CA SER B 429 16.20 1.58 44.21
C SER B 429 15.43 0.49 44.92
N HIS B 430 14.68 -0.32 44.18
CA HIS B 430 13.87 -1.37 44.78
C HIS B 430 14.75 -2.53 45.24
N PRO B 431 14.83 -2.82 46.54
CA PRO B 431 15.69 -3.92 47.00
C PRO B 431 15.24 -5.29 46.54
N LYS B 432 14.09 -5.39 45.88
CA LYS B 432 13.59 -6.67 45.38
C LYS B 432 13.98 -6.94 43.94
N TYR B 433 14.17 -5.88 43.14
CA TYR B 433 14.50 -6.04 41.73
C TYR B 433 15.92 -5.54 41.44
N ARG B 434 16.90 -6.14 42.09
CA ARG B 434 18.30 -5.74 41.89
C ARG B 434 18.95 -6.56 40.79
N CYS B 436 19.57 -8.77 37.74
CA CYS B 436 19.23 -9.23 36.40
C CYS B 436 18.64 -10.64 36.40
N SER B 437 18.66 -11.29 37.57
CA SER B 437 18.14 -12.64 37.66
C SER B 437 16.65 -12.68 37.98
N VAL B 438 16.08 -11.59 38.47
CA VAL B 438 14.64 -11.53 38.71
C VAL B 438 13.94 -11.18 37.40
N PRO B 439 12.88 -11.91 37.02
CA PRO B 439 12.18 -11.60 35.76
C PRO B 439 11.38 -10.31 35.82
N GLU B 440 10.78 -9.93 34.68
CA GLU B 440 10.00 -8.72 34.61
C GLU B 440 8.72 -8.85 35.45
N GLU B 441 8.10 -7.70 35.71
CA GLU B 441 6.81 -7.69 36.41
C GLU B 441 5.70 -8.15 35.46
#